data_7O6Q
#
_entry.id   7O6Q
#
_cell.length_a   1.00
_cell.length_b   1.00
_cell.length_c   1.00
_cell.angle_alpha   90.00
_cell.angle_beta   90.00
_cell.angle_gamma   90.00
#
_symmetry.space_group_name_H-M   'P 1'
#
loop_
_entity.id
_entity.type
_entity.pdbx_description
1 polymer 'borneol dehydrogenase'
2 water water
#
_entity_poly.entity_id   1
_entity_poly.type   'polypeptide(L)'
_entity_poly.pdbx_seq_one_letter_code
;MGSSHHHHHHSSGLVPRGSHMSCNTAVSRRLEGKVAIVTGGASGIGASTVRLFHDHGAKVVIADIQDDLGQTLADRLGRN
ISYTHCDVTDEDQVRALVDAAVAKHGGVDIMFSNAGIVEGPNSIFDVDKDELERLMGINLVGAFLAAKHAARVMVPAKKG
CIIFTASACTEIAGIAGHSYTASKYGIVGLMKSLAVELGSHGIRANCVSPFGVLTGIVPDDEASKLMFEGIMSKVGNLKG
KILTAEDVAVTVLYLASEEASYVSGVNLLVDGGYTVVNPTFINVITAGQS
;
_entity_poly.pdbx_strand_id   A,B,C,D
#
# COMPACT_ATOMS: atom_id res chain seq x y z
N ARG A 29 -31.35 -2.12 -15.04
CA ARG A 29 -30.51 -2.97 -15.88
C ARG A 29 -29.28 -2.20 -16.34
N ARG A 30 -28.17 -2.46 -15.65
CA ARG A 30 -26.98 -1.65 -15.81
C ARG A 30 -25.99 -2.21 -16.80
N LEU A 31 -26.35 -3.23 -17.59
CA LEU A 31 -25.42 -3.77 -18.58
C LEU A 31 -26.17 -4.26 -19.79
N GLU A 32 -27.27 -3.60 -20.14
CA GLU A 32 -28.11 -4.10 -21.23
C GLU A 32 -27.30 -4.14 -22.51
N GLY A 33 -27.25 -5.31 -23.14
CA GLY A 33 -26.45 -5.49 -24.33
C GLY A 33 -25.05 -6.00 -24.12
N LYS A 34 -24.49 -5.88 -22.92
CA LYS A 34 -23.12 -6.30 -22.69
C LYS A 34 -23.00 -7.83 -22.72
N VAL A 35 -21.79 -8.29 -22.98
CA VAL A 35 -21.48 -9.72 -23.08
C VAL A 35 -20.42 -10.02 -22.02
N ALA A 36 -20.71 -11.02 -21.17
CA ALA A 36 -19.86 -11.36 -20.05
C ALA A 36 -19.49 -12.83 -20.05
N ILE A 37 -18.21 -13.12 -19.78
CA ILE A 37 -17.73 -14.47 -19.54
C ILE A 37 -17.41 -14.58 -18.06
N VAL A 38 -17.89 -15.64 -17.43
CA VAL A 38 -17.64 -15.85 -16.01
C VAL A 38 -17.01 -17.23 -15.85
N THR A 39 -15.70 -17.26 -15.63
CA THR A 39 -15.04 -18.53 -15.39
C THR A 39 -15.15 -18.91 -13.93
N GLY A 40 -15.46 -20.17 -13.68
CA GLY A 40 -15.71 -20.60 -12.32
C GLY A 40 -17.03 -20.09 -11.81
N GLY A 41 -18.05 -20.04 -12.67
CA GLY A 41 -19.30 -19.40 -12.32
C GLY A 41 -20.47 -20.31 -12.09
N ALA A 42 -20.22 -21.59 -11.82
CA ALA A 42 -21.31 -22.50 -11.53
C ALA A 42 -21.59 -22.64 -10.05
N SER A 43 -20.69 -22.15 -9.20
CA SER A 43 -20.92 -22.14 -7.76
C SER A 43 -20.39 -20.84 -7.19
N GLY A 44 -20.76 -20.58 -5.94
CA GLY A 44 -20.07 -19.57 -5.15
C GLY A 44 -20.23 -18.15 -5.67
N ILE A 45 -19.16 -17.38 -5.57
CA ILE A 45 -19.17 -15.99 -6.05
C ILE A 45 -19.51 -15.94 -7.53
N GLY A 46 -18.96 -16.86 -8.32
CA GLY A 46 -19.21 -16.86 -9.74
C GLY A 46 -20.68 -17.06 -10.08
N ALA A 47 -21.36 -17.90 -9.32
CA ALA A 47 -22.76 -18.21 -9.62
C ALA A 47 -23.68 -17.05 -9.28
N SER A 48 -23.36 -16.31 -8.23
CA SER A 48 -24.20 -15.17 -7.88
C SER A 48 -23.94 -14.00 -8.81
N THR A 49 -22.71 -13.86 -9.28
CA THR A 49 -22.43 -12.85 -10.29
C THR A 49 -23.16 -13.15 -11.59
N VAL A 50 -23.22 -14.43 -11.97
CA VAL A 50 -23.97 -14.83 -13.16
C VAL A 50 -25.44 -14.43 -13.03
N ARG A 51 -26.06 -14.79 -11.89
CA ARG A 51 -27.45 -14.43 -11.66
C ARG A 51 -27.64 -12.91 -11.70
N LEU A 52 -26.73 -12.18 -11.06
CA LEU A 52 -26.83 -10.72 -11.01
C LEU A 52 -26.63 -10.11 -12.39
N PHE A 53 -25.52 -10.44 -13.02
CA PHE A 53 -25.26 -10.10 -14.41
C PHE A 53 -26.48 -10.34 -15.29
N HIS A 54 -27.25 -11.36 -14.96
CA HIS A 54 -28.42 -11.71 -15.75
C HIS A 54 -29.60 -10.78 -15.46
N ASP A 55 -29.86 -10.53 -14.18
CA ASP A 55 -30.94 -9.63 -13.79
C ASP A 55 -30.75 -8.24 -14.38
N HIS A 56 -29.51 -7.80 -14.54
CA HIS A 56 -29.22 -6.49 -15.10
C HIS A 56 -29.02 -6.50 -16.61
N GLY A 57 -29.40 -7.57 -17.30
CA GLY A 57 -29.52 -7.56 -18.74
C GLY A 57 -28.31 -7.97 -19.54
N ALA A 58 -27.28 -8.55 -18.91
CA ALA A 58 -26.13 -8.99 -19.67
C ALA A 58 -26.38 -10.34 -20.33
N LYS A 59 -25.70 -10.56 -21.44
CA LYS A 59 -25.48 -11.91 -21.96
C LYS A 59 -24.26 -12.50 -21.26
N VAL A 60 -24.39 -13.71 -20.75
CA VAL A 60 -23.36 -14.31 -19.92
C VAL A 60 -23.08 -15.71 -20.43
N VAL A 61 -21.79 -16.05 -20.54
CA VAL A 61 -21.32 -17.39 -20.82
C VAL A 61 -20.68 -17.92 -19.56
N ILE A 62 -21.18 -19.05 -19.06
CA ILE A 62 -20.62 -19.70 -17.87
C ILE A 62 -19.54 -20.66 -18.32
N ALA A 63 -18.37 -20.57 -17.71
CA ALA A 63 -17.24 -21.44 -18.02
C ALA A 63 -16.79 -22.15 -16.75
N ASP A 64 -16.96 -23.47 -16.71
CA ASP A 64 -16.60 -24.20 -15.51
C ASP A 64 -16.34 -25.67 -15.84
N ILE A 65 -15.72 -26.35 -14.88
CA ILE A 65 -15.55 -27.80 -14.92
C ILE A 65 -16.66 -28.54 -14.18
N GLN A 66 -17.46 -27.84 -13.39
CA GLN A 66 -18.64 -28.40 -12.75
C GLN A 66 -19.77 -28.43 -13.77
N ASP A 67 -19.77 -29.46 -14.60
CA ASP A 67 -20.65 -29.49 -15.77
C ASP A 67 -22.10 -29.62 -15.37
N ASP A 68 -22.36 -30.20 -14.20
CA ASP A 68 -23.74 -30.46 -13.78
C ASP A 68 -24.39 -29.20 -13.22
N LEU A 69 -23.70 -28.52 -12.30
CA LEU A 69 -24.18 -27.24 -11.81
C LEU A 69 -24.22 -26.21 -12.93
N GLY A 70 -23.13 -26.13 -13.70
CA GLY A 70 -23.05 -25.13 -14.75
C GLY A 70 -24.19 -25.19 -15.74
N GLN A 71 -24.55 -26.39 -16.17
CA GLN A 71 -25.58 -26.50 -17.19
C GLN A 71 -26.97 -26.29 -16.60
N THR A 72 -27.18 -26.78 -15.37
CA THR A 72 -28.46 -26.55 -14.69
C THR A 72 -28.71 -25.06 -14.46
N LEU A 73 -27.68 -24.34 -14.03
CA LEU A 73 -27.81 -22.91 -13.80
C LEU A 73 -28.09 -22.18 -15.09
N ALA A 74 -27.37 -22.53 -16.15
CA ALA A 74 -27.57 -21.87 -17.43
C ALA A 74 -28.96 -22.16 -17.98
N ASP A 75 -29.49 -23.34 -17.72
CA ASP A 75 -30.82 -23.66 -18.22
C ASP A 75 -31.92 -22.97 -17.43
N ARG A 76 -31.67 -22.70 -16.16
CA ARG A 76 -32.69 -22.09 -15.31
C ARG A 76 -32.85 -20.60 -15.62
N LEU A 77 -31.82 -19.96 -16.15
CA LEU A 77 -31.78 -18.50 -16.27
C LEU A 77 -32.29 -17.98 -17.61
N GLY A 78 -32.28 -18.77 -18.66
CA GLY A 78 -32.87 -18.35 -19.90
C GLY A 78 -31.90 -18.37 -21.05
N ARG A 79 -32.33 -17.77 -22.17
N ARG A 79 -32.32 -17.76 -22.16
CA ARG A 79 -31.60 -17.88 -23.42
CA ARG A 79 -31.57 -17.92 -23.41
C ARG A 79 -30.27 -17.14 -23.38
C ARG A 79 -30.28 -17.13 -23.42
N ASN A 80 -30.19 -16.03 -22.68
CA ASN A 80 -28.95 -15.25 -22.68
C ASN A 80 -27.87 -15.82 -21.79
N ILE A 81 -28.10 -16.94 -21.13
CA ILE A 81 -27.13 -17.54 -20.25
C ILE A 81 -26.87 -18.94 -20.75
N SER A 82 -25.66 -19.17 -21.22
N SER A 82 -25.65 -19.16 -21.22
CA SER A 82 -25.27 -20.47 -21.74
CA SER A 82 -25.20 -20.42 -21.79
C SER A 82 -23.99 -20.93 -21.06
C SER A 82 -23.98 -20.93 -21.03
N TYR A 83 -23.83 -22.24 -20.99
CA TYR A 83 -22.72 -22.88 -20.32
C TYR A 83 -21.77 -23.48 -21.34
N THR A 84 -20.48 -23.39 -21.06
CA THR A 84 -19.45 -23.98 -21.88
C THR A 84 -18.39 -24.56 -20.97
N HIS A 85 -18.10 -25.85 -21.13
CA HIS A 85 -17.08 -26.50 -20.33
C HIS A 85 -15.71 -25.95 -20.67
N CYS A 86 -15.02 -25.41 -19.68
CA CYS A 86 -13.68 -24.89 -19.91
C CYS A 86 -12.81 -25.15 -18.70
N ASP A 87 -11.77 -25.93 -18.88
CA ASP A 87 -10.68 -26.00 -17.92
C ASP A 87 -9.73 -24.85 -18.19
N VAL A 88 -9.56 -23.96 -17.22
CA VAL A 88 -8.81 -22.72 -17.46
C VAL A 88 -7.31 -22.96 -17.31
N THR A 89 -6.92 -24.21 -17.10
CA THR A 89 -5.51 -24.52 -17.22
C THR A 89 -5.12 -24.89 -18.64
N ASP A 90 -6.10 -25.05 -19.52
CA ASP A 90 -5.89 -25.51 -20.89
C ASP A 90 -6.14 -24.34 -21.84
N GLU A 91 -5.07 -23.80 -22.43
CA GLU A 91 -5.23 -22.62 -23.27
C GLU A 91 -6.12 -22.87 -24.47
N ASP A 92 -6.18 -24.11 -24.96
N ASP A 92 -6.18 -24.11 -24.95
CA ASP A 92 -7.02 -24.39 -26.13
CA ASP A 92 -7.01 -24.40 -26.12
C ASP A 92 -8.49 -24.26 -25.79
C ASP A 92 -8.48 -24.26 -25.79
N GLN A 93 -8.89 -24.72 -24.61
CA GLN A 93 -10.28 -24.56 -24.19
C GLN A 93 -10.62 -23.11 -23.93
N VAL A 94 -9.68 -22.36 -23.35
CA VAL A 94 -9.92 -20.94 -23.10
C VAL A 94 -10.09 -20.20 -24.42
N ARG A 95 -9.20 -20.48 -25.38
N ARG A 95 -9.21 -20.48 -25.39
CA ARG A 95 -9.30 -19.86 -26.70
CA ARG A 95 -9.30 -19.86 -26.69
C ARG A 95 -10.61 -20.20 -27.36
C ARG A 95 -10.61 -20.19 -27.37
N ALA A 96 -11.07 -21.44 -27.21
CA ALA A 96 -12.35 -21.83 -27.79
C ALA A 96 -13.50 -21.11 -27.11
N LEU A 97 -13.42 -20.94 -25.78
CA LEU A 97 -14.47 -20.27 -25.04
C LEU A 97 -14.65 -18.83 -25.51
N VAL A 98 -13.54 -18.10 -25.68
CA VAL A 98 -13.65 -16.71 -26.12
C VAL A 98 -14.06 -16.65 -27.58
N ASP A 99 -13.56 -17.55 -28.41
CA ASP A 99 -13.91 -17.52 -29.83
C ASP A 99 -15.38 -17.80 -30.04
N ALA A 100 -15.99 -18.63 -29.19
CA ALA A 100 -17.37 -19.03 -29.39
C ALA A 100 -18.32 -17.95 -28.89
N ALA A 101 -17.98 -17.27 -27.81
CA ALA A 101 -18.77 -16.12 -27.38
C ALA A 101 -18.72 -14.99 -28.41
N VAL A 102 -17.56 -14.80 -29.04
CA VAL A 102 -17.49 -13.81 -30.11
C VAL A 102 -18.22 -14.30 -31.35
N ALA A 103 -18.30 -15.61 -31.56
CA ALA A 103 -19.09 -16.10 -32.69
C ALA A 103 -20.58 -15.93 -32.43
N LYS A 104 -20.99 -16.02 -31.18
CA LYS A 104 -22.40 -16.09 -30.80
C LYS A 104 -23.00 -14.74 -30.44
N HIS A 105 -22.26 -13.87 -29.75
CA HIS A 105 -22.78 -12.58 -29.32
C HIS A 105 -22.04 -11.40 -29.90
N GLY A 106 -21.01 -11.61 -30.71
CA GLY A 106 -20.36 -10.55 -31.45
C GLY A 106 -19.21 -9.85 -30.76
N GLY A 107 -18.85 -10.25 -29.57
CA GLY A 107 -17.78 -9.57 -28.84
C GLY A 107 -17.88 -9.89 -27.37
N VAL A 108 -16.83 -9.50 -26.64
CA VAL A 108 -16.78 -9.73 -25.20
C VAL A 108 -16.50 -8.41 -24.52
N ASP A 109 -17.47 -7.94 -23.73
CA ASP A 109 -17.32 -6.72 -22.95
C ASP A 109 -16.74 -6.96 -21.57
N ILE A 110 -17.13 -8.04 -20.91
CA ILE A 110 -16.69 -8.31 -19.54
C ILE A 110 -16.09 -9.70 -19.45
N MET A 111 -14.86 -9.79 -18.97
CA MET A 111 -14.28 -11.06 -18.55
C MET A 111 -14.17 -11.05 -17.03
N PHE A 112 -14.90 -11.94 -16.37
CA PHE A 112 -14.81 -12.15 -14.92
C PHE A 112 -14.04 -13.43 -14.66
N SER A 113 -12.74 -13.32 -14.44
CA SER A 113 -11.88 -14.46 -14.16
C SER A 113 -12.02 -14.82 -12.70
N ASN A 114 -12.91 -15.77 -12.41
CA ASN A 114 -13.26 -16.15 -11.05
C ASN A 114 -12.86 -17.57 -10.68
N ALA A 115 -12.35 -18.37 -11.62
CA ALA A 115 -11.99 -19.75 -11.31
C ALA A 115 -10.79 -19.80 -10.36
N GLY A 116 -10.84 -20.74 -9.41
CA GLY A 116 -9.77 -20.91 -8.47
C GLY A 116 -10.14 -21.90 -7.40
N ILE A 117 -9.13 -22.32 -6.62
CA ILE A 117 -9.30 -23.23 -5.51
C ILE A 117 -8.72 -22.59 -4.25
N VAL A 118 -9.27 -22.95 -3.10
CA VAL A 118 -9.00 -22.24 -1.86
C VAL A 118 -8.17 -23.09 -0.90
N GLU A 119 -7.46 -22.38 -0.02
N GLU A 119 -7.43 -22.39 -0.04
CA GLU A 119 -6.64 -22.98 1.02
CA GLU A 119 -6.68 -23.05 1.03
C GLU A 119 -6.76 -22.14 2.28
C GLU A 119 -6.75 -22.17 2.27
N GLY A 120 -7.25 -22.73 3.36
CA GLY A 120 -7.26 -22.05 4.63
C GLY A 120 -5.87 -21.93 5.20
N PRO A 121 -5.72 -21.20 6.30
CA PRO A 121 -4.38 -20.95 6.86
C PRO A 121 -3.68 -22.25 7.18
N ASN A 122 -2.40 -22.30 6.83
CA ASN A 122 -1.64 -23.52 7.02
C ASN A 122 -0.20 -23.13 7.34
N SER A 123 0.68 -24.12 7.28
CA SER A 123 2.08 -23.98 7.58
C SER A 123 2.89 -24.07 6.30
N ILE A 124 4.06 -23.42 6.29
CA ILE A 124 5.01 -23.60 5.19
C ILE A 124 5.50 -25.03 5.16
N PHE A 125 5.37 -25.75 6.28
N PHE A 125 5.37 -25.75 6.28
CA PHE A 125 5.73 -27.16 6.31
CA PHE A 125 5.73 -27.16 6.31
C PHE A 125 4.69 -27.99 5.57
C PHE A 125 4.69 -27.99 5.57
N ASP A 126 3.45 -27.51 5.50
CA ASP A 126 2.40 -28.22 4.80
C ASP A 126 2.52 -28.18 3.29
N VAL A 127 3.38 -27.33 2.75
CA VAL A 127 3.36 -27.04 1.33
C VAL A 127 4.07 -28.15 0.55
N ASP A 128 3.32 -28.81 -0.33
CA ASP A 128 3.86 -29.83 -1.21
C ASP A 128 3.98 -29.26 -2.62
N LYS A 129 5.14 -29.46 -3.24
CA LYS A 129 5.42 -28.85 -4.53
C LYS A 129 4.35 -29.18 -5.57
N ASP A 130 3.89 -30.43 -5.59
CA ASP A 130 2.88 -30.82 -6.56
C ASP A 130 1.59 -30.05 -6.33
N GLU A 131 1.16 -29.94 -5.07
CA GLU A 131 -0.04 -29.19 -4.76
C GLU A 131 0.12 -27.72 -5.06
N LEU A 132 1.30 -27.17 -4.78
CA LEU A 132 1.59 -25.78 -5.09
C LEU A 132 1.44 -25.50 -6.58
N GLU A 133 2.02 -26.36 -7.41
CA GLU A 133 1.95 -26.16 -8.85
C GLU A 133 0.54 -26.39 -9.39
N ARG A 134 -0.22 -27.28 -8.76
CA ARG A 134 -1.61 -27.44 -9.17
C ARG A 134 -2.43 -26.20 -8.85
N LEU A 135 -2.15 -25.57 -7.71
CA LEU A 135 -2.88 -24.38 -7.33
C LEU A 135 -2.46 -23.18 -8.17
N MET A 136 -1.16 -23.00 -8.37
CA MET A 136 -0.67 -21.94 -9.25
C MET A 136 -1.27 -22.05 -10.64
N GLY A 137 -1.47 -23.27 -11.12
CA GLY A 137 -1.98 -23.45 -12.47
C GLY A 137 -3.43 -23.04 -12.60
N ILE A 138 -4.23 -23.27 -11.58
CA ILE A 138 -5.65 -22.93 -11.64
C ILE A 138 -5.86 -21.47 -11.30
N ASN A 139 -5.24 -21.01 -10.22
CA ASN A 139 -5.50 -19.66 -9.75
C ASN A 139 -4.83 -18.62 -10.63
N LEU A 140 -3.53 -18.79 -10.85
CA LEU A 140 -2.73 -17.75 -11.49
C LEU A 140 -2.63 -17.92 -13.01
N VAL A 141 -2.19 -19.10 -13.47
CA VAL A 141 -2.05 -19.32 -14.90
C VAL A 141 -3.42 -19.30 -15.59
N GLY A 142 -4.48 -19.74 -14.92
CA GLY A 142 -5.80 -19.58 -15.48
C GLY A 142 -6.20 -18.14 -15.70
N ALA A 143 -5.72 -17.23 -14.84
CA ALA A 143 -6.04 -15.82 -14.98
C ALA A 143 -5.28 -15.20 -16.15
N PHE A 144 -4.02 -15.57 -16.33
CA PHE A 144 -3.27 -15.13 -17.51
C PHE A 144 -3.99 -15.50 -18.79
N LEU A 145 -4.45 -16.73 -18.91
CA LEU A 145 -5.07 -17.17 -20.15
C LEU A 145 -6.41 -16.51 -20.36
N ALA A 146 -7.20 -16.38 -19.30
CA ALA A 146 -8.44 -15.61 -19.38
C ALA A 146 -8.16 -14.19 -19.86
N ALA A 147 -7.17 -13.53 -19.25
CA ALA A 147 -6.83 -12.18 -19.66
C ALA A 147 -6.33 -12.13 -21.10
N LYS A 148 -5.39 -13.02 -21.44
CA LYS A 148 -4.76 -12.98 -22.75
C LYS A 148 -5.78 -13.14 -23.87
N HIS A 149 -6.81 -13.95 -23.68
CA HIS A 149 -7.76 -14.18 -24.74
C HIS A 149 -8.91 -13.19 -24.75
N ALA A 150 -9.29 -12.65 -23.59
CA ALA A 150 -10.21 -11.53 -23.60
C ALA A 150 -9.59 -10.31 -24.27
N ALA A 151 -8.37 -9.94 -23.87
CA ALA A 151 -7.66 -8.83 -24.51
C ALA A 151 -7.59 -9.02 -26.02
N ARG A 152 -7.43 -10.26 -26.47
CA ARG A 152 -7.32 -10.53 -27.90
C ARG A 152 -8.57 -10.12 -28.65
N VAL A 153 -9.73 -10.22 -28.02
CA VAL A 153 -10.96 -9.81 -28.68
C VAL A 153 -11.37 -8.39 -28.34
N MET A 154 -10.92 -7.85 -27.20
CA MET A 154 -11.35 -6.51 -26.79
C MET A 154 -10.53 -5.40 -27.41
N VAL A 155 -9.22 -5.57 -27.54
CA VAL A 155 -8.33 -4.54 -28.06
C VAL A 155 -8.80 -4.02 -29.42
N PRO A 156 -9.08 -4.87 -30.43
CA PRO A 156 -9.64 -4.35 -31.68
C PRO A 156 -11.02 -3.72 -31.56
N ALA A 157 -11.74 -3.99 -30.48
CA ALA A 157 -13.03 -3.32 -30.27
C ALA A 157 -12.89 -2.01 -29.51
N LYS A 158 -11.76 -1.83 -28.83
N LYS A 158 -11.76 -1.85 -28.83
CA LYS A 158 -11.41 -0.61 -28.13
CA LYS A 158 -11.38 -0.64 -28.11
C LYS A 158 -12.27 -0.39 -26.89
C LYS A 158 -12.28 -0.39 -26.91
N LYS A 159 -12.85 -1.44 -26.35
CA LYS A 159 -13.60 -1.37 -25.12
C LYS A 159 -13.51 -2.71 -24.41
N GLY A 160 -13.74 -2.68 -23.11
CA GLY A 160 -13.95 -3.90 -22.36
C GLY A 160 -13.54 -3.76 -20.92
N CYS A 161 -13.93 -4.75 -20.13
CA CYS A 161 -13.55 -4.82 -18.72
C CYS A 161 -13.07 -6.23 -18.37
N ILE A 162 -11.92 -6.31 -17.69
CA ILE A 162 -11.47 -7.57 -17.10
C ILE A 162 -11.51 -7.42 -15.59
N ILE A 163 -12.19 -8.33 -14.90
CA ILE A 163 -12.24 -8.35 -13.44
C ILE A 163 -11.70 -9.68 -12.94
N PHE A 164 -10.80 -9.63 -11.96
CA PHE A 164 -10.31 -10.83 -11.31
C PHE A 164 -10.84 -10.92 -9.88
N THR A 165 -11.05 -12.15 -9.42
CA THR A 165 -11.30 -12.41 -8.01
C THR A 165 -9.97 -12.69 -7.33
N ALA A 166 -9.51 -11.77 -6.50
CA ALA A 166 -8.33 -11.95 -5.67
C ALA A 166 -8.80 -12.42 -4.28
N SER A 167 -8.32 -11.85 -3.19
CA SER A 167 -8.81 -12.21 -1.87
C SER A 167 -8.32 -11.18 -0.88
N ALA A 168 -9.05 -11.02 0.22
CA ALA A 168 -8.59 -10.13 1.26
C ALA A 168 -7.20 -10.48 1.75
N CYS A 169 -6.73 -11.68 1.50
CA CYS A 169 -5.39 -12.06 1.89
C CYS A 169 -4.33 -11.25 1.17
N THR A 170 -4.66 -10.62 0.06
CA THR A 170 -3.70 -9.76 -0.64
C THR A 170 -3.42 -8.49 0.14
N GLU A 171 -4.14 -8.23 1.22
CA GLU A 171 -3.95 -7.04 2.02
C GLU A 171 -3.53 -7.33 3.44
N ILE A 172 -3.90 -8.47 4.01
CA ILE A 172 -3.54 -8.82 5.37
C ILE A 172 -3.25 -10.30 5.44
N ALA A 173 -2.27 -10.66 6.26
CA ALA A 173 -1.94 -12.06 6.47
C ALA A 173 -2.89 -12.70 7.48
N GLY A 174 -2.77 -14.01 7.60
CA GLY A 174 -3.49 -14.76 8.60
C GLY A 174 -4.90 -15.18 8.25
N ILE A 175 -5.28 -15.20 6.98
CA ILE A 175 -6.62 -15.65 6.65
C ILE A 175 -6.63 -16.61 5.46
N ALA A 176 -5.45 -17.05 5.02
CA ALA A 176 -5.39 -17.93 3.86
C ALA A 176 -4.06 -18.66 3.84
N GLY A 177 -4.06 -19.79 3.14
CA GLY A 177 -2.87 -20.59 3.05
C GLY A 177 -1.77 -19.93 2.25
N HIS A 178 -0.54 -20.38 2.50
CA HIS A 178 0.62 -19.77 1.86
C HIS A 178 0.52 -19.82 0.34
N SER A 179 0.29 -21.01 -0.22
CA SER A 179 0.19 -21.13 -1.67
C SER A 179 -0.93 -20.26 -2.21
N TYR A 180 -2.08 -20.27 -1.54
CA TYR A 180 -3.20 -19.47 -2.01
C TYR A 180 -2.87 -17.99 -1.99
N THR A 181 -2.18 -17.53 -0.94
CA THR A 181 -1.87 -16.11 -0.84
C THR A 181 -0.95 -15.66 -1.96
N ALA A 182 0.09 -16.44 -2.23
CA ALA A 182 1.03 -16.11 -3.29
C ALA A 182 0.32 -16.02 -4.64
N SER A 183 -0.51 -17.00 -4.95
CA SER A 183 -1.24 -16.95 -6.21
C SER A 183 -2.17 -15.75 -6.29
N LYS A 184 -2.74 -15.33 -5.16
CA LYS A 184 -3.64 -14.19 -5.22
C LYS A 184 -2.89 -12.87 -5.30
N TYR A 185 -1.67 -12.79 -4.75
CA TYR A 185 -0.85 -11.62 -4.99
C TYR A 185 -0.48 -11.53 -6.47
N GLY A 186 -0.06 -12.65 -7.05
CA GLY A 186 0.24 -12.67 -8.47
C GLY A 186 -0.89 -12.11 -9.31
N ILE A 187 -2.13 -12.37 -8.91
CA ILE A 187 -3.26 -11.86 -9.68
C ILE A 187 -3.32 -10.35 -9.58
N VAL A 188 -3.06 -9.79 -8.41
CA VAL A 188 -3.06 -8.32 -8.27
C VAL A 188 -2.03 -7.71 -9.20
N GLY A 189 -0.81 -8.26 -9.17
CA GLY A 189 0.23 -7.77 -10.07
C GLY A 189 -0.13 -7.90 -11.53
N LEU A 190 -0.66 -9.05 -11.92
CA LEU A 190 -1.13 -9.18 -13.29
C LEU A 190 -2.21 -8.15 -13.61
N MET A 191 -3.10 -7.90 -12.67
CA MET A 191 -4.18 -6.94 -12.92
C MET A 191 -3.66 -5.52 -13.12
N LYS A 192 -2.57 -5.17 -12.43
CA LYS A 192 -2.08 -3.80 -12.52
C LYS A 192 -1.27 -3.59 -13.78
N SER A 193 -0.50 -4.60 -14.20
CA SER A 193 0.16 -4.54 -15.49
C SER A 193 -0.86 -4.45 -16.62
N LEU A 194 -1.91 -5.26 -16.55
CA LEU A 194 -2.97 -5.18 -17.54
C LEU A 194 -3.58 -3.80 -17.59
N ALA A 195 -3.75 -3.17 -16.43
CA ALA A 195 -4.41 -1.87 -16.39
C ALA A 195 -3.61 -0.84 -17.16
N VAL A 196 -2.30 -0.99 -17.21
CA VAL A 196 -1.45 -0.08 -17.95
C VAL A 196 -1.47 -0.41 -19.44
N GLU A 197 -1.15 -1.65 -19.78
CA GLU A 197 -1.10 -2.06 -21.18
C GLU A 197 -2.43 -1.80 -21.87
N LEU A 198 -3.53 -2.22 -21.25
CA LEU A 198 -4.82 -2.14 -21.91
C LEU A 198 -5.50 -0.80 -21.78
N GLY A 199 -5.06 0.06 -20.85
CA GLY A 199 -5.65 1.38 -20.77
C GLY A 199 -5.50 2.15 -22.06
N SER A 200 -4.38 1.90 -22.77
N SER A 200 -4.38 1.90 -22.77
CA SER A 200 -4.10 2.55 -24.03
CA SER A 200 -4.10 2.54 -24.04
C SER A 200 -5.14 2.24 -25.09
C SER A 200 -5.15 2.23 -25.08
N HIS A 201 -5.90 1.15 -24.91
CA HIS A 201 -6.95 0.75 -25.84
C HIS A 201 -8.36 0.92 -25.26
N GLY A 202 -8.49 1.60 -24.13
CA GLY A 202 -9.79 1.80 -23.54
C GLY A 202 -10.24 0.73 -22.58
N ILE A 203 -9.41 -0.23 -22.28
CA ILE A 203 -9.83 -1.42 -21.55
C ILE A 203 -9.44 -1.29 -20.08
N ARG A 204 -10.36 -1.64 -19.19
CA ARG A 204 -10.12 -1.58 -17.76
C ARG A 204 -9.87 -2.95 -17.17
N ALA A 205 -9.01 -2.99 -16.16
CA ALA A 205 -8.78 -4.18 -15.37
C ALA A 205 -8.86 -3.85 -13.89
N ASN A 206 -9.51 -4.71 -13.11
CA ASN A 206 -9.63 -4.53 -11.67
C ASN A 206 -9.78 -5.88 -10.99
N CYS A 207 -9.57 -5.88 -9.68
CA CYS A 207 -9.70 -7.04 -8.82
C CYS A 207 -10.74 -6.75 -7.75
N VAL A 208 -11.37 -7.78 -7.24
CA VAL A 208 -12.21 -7.67 -6.06
C VAL A 208 -11.73 -8.70 -5.05
N SER A 209 -11.44 -8.26 -3.83
CA SER A 209 -10.85 -9.09 -2.79
C SER A 209 -11.82 -9.29 -1.62
N PRO A 210 -12.61 -10.34 -1.60
CA PRO A 210 -13.57 -10.53 -0.52
C PRO A 210 -12.92 -11.19 0.70
N PHE A 211 -13.66 -11.16 1.80
CA PHE A 211 -13.20 -11.74 3.06
C PHE A 211 -14.35 -12.45 3.76
N GLY A 212 -14.20 -13.75 3.96
CA GLY A 212 -15.18 -14.49 4.72
C GLY A 212 -16.49 -14.70 3.98
N VAL A 213 -16.42 -15.06 2.71
CA VAL A 213 -17.60 -15.22 1.87
C VAL A 213 -18.42 -16.44 2.27
N MET A 227 -22.18 -22.37 12.79
CA MET A 227 -20.79 -22.84 12.71
C MET A 227 -19.89 -21.76 12.13
N PHE A 228 -20.09 -21.42 10.86
CA PHE A 228 -19.25 -20.44 10.19
C PHE A 228 -19.71 -19.01 10.41
N GLU A 229 -21.00 -18.79 10.64
CA GLU A 229 -21.46 -17.43 10.91
C GLU A 229 -20.93 -16.93 12.24
N GLY A 230 -20.98 -17.76 13.28
CA GLY A 230 -20.48 -17.35 14.57
C GLY A 230 -19.01 -17.00 14.54
N ILE A 231 -18.24 -17.70 13.69
CA ILE A 231 -16.87 -17.28 13.43
C ILE A 231 -16.85 -15.84 12.94
N MET A 232 -17.50 -15.60 11.80
CA MET A 232 -17.43 -14.28 11.19
C MET A 232 -18.06 -13.20 12.05
N SER A 233 -19.05 -13.57 12.87
CA SER A 233 -19.63 -12.60 13.81
C SER A 233 -18.62 -12.20 14.86
N LYS A 234 -17.75 -13.12 15.26
CA LYS A 234 -16.69 -12.80 16.20
C LYS A 234 -15.49 -12.18 15.51
N VAL A 235 -15.25 -12.52 14.25
CA VAL A 235 -14.00 -12.13 13.60
C VAL A 235 -14.11 -10.79 12.89
N GLY A 236 -15.28 -10.45 12.35
CA GLY A 236 -15.39 -9.28 11.51
C GLY A 236 -15.18 -7.98 12.27
N ASN A 237 -14.58 -7.02 11.58
CA ASN A 237 -14.40 -5.69 12.16
C ASN A 237 -15.70 -4.91 12.14
N LEU A 238 -16.44 -4.98 11.05
CA LEU A 238 -17.73 -4.33 10.94
C LEU A 238 -18.83 -5.27 11.42
N LYS A 239 -19.62 -4.82 12.38
CA LYS A 239 -20.57 -5.66 13.09
C LYS A 239 -21.99 -5.44 12.59
N GLY A 240 -22.82 -6.46 12.78
CA GLY A 240 -24.19 -6.38 12.34
C GLY A 240 -24.37 -6.55 10.84
N LYS A 241 -23.46 -7.27 10.21
CA LYS A 241 -23.51 -7.47 8.76
C LYS A 241 -22.60 -8.64 8.41
N ILE A 242 -23.15 -9.66 7.77
CA ILE A 242 -22.42 -10.86 7.37
C ILE A 242 -22.21 -10.82 5.87
N LEU A 243 -20.98 -11.06 5.44
CA LEU A 243 -20.69 -11.03 4.01
C LEU A 243 -21.23 -12.29 3.35
N THR A 244 -21.98 -12.10 2.27
CA THR A 244 -22.48 -13.20 1.47
C THR A 244 -21.87 -13.12 0.08
N ALA A 245 -22.05 -14.19 -0.69
CA ALA A 245 -21.63 -14.16 -2.08
C ALA A 245 -22.39 -13.11 -2.85
N GLU A 246 -23.66 -12.90 -2.50
N GLU A 246 -23.65 -12.90 -2.51
CA GLU A 246 -24.47 -11.91 -3.18
CA GLU A 246 -24.46 -11.91 -3.21
C GLU A 246 -23.88 -10.51 -3.04
C GLU A 246 -23.88 -10.50 -3.05
N ASP A 247 -23.28 -10.21 -1.89
CA ASP A 247 -22.66 -8.91 -1.71
C ASP A 247 -21.48 -8.72 -2.65
N VAL A 248 -20.66 -9.75 -2.81
CA VAL A 248 -19.52 -9.65 -3.73
C VAL A 248 -20.01 -9.42 -5.15
N ALA A 249 -21.00 -10.21 -5.58
CA ALA A 249 -21.55 -10.04 -6.91
C ALA A 249 -21.94 -8.58 -7.19
N VAL A 250 -22.44 -7.89 -6.17
CA VAL A 250 -22.82 -6.50 -6.33
C VAL A 250 -21.58 -5.63 -6.56
N THR A 251 -20.48 -5.94 -5.90
CA THR A 251 -19.26 -5.17 -6.12
C THR A 251 -18.67 -5.44 -7.51
N VAL A 252 -18.75 -6.67 -8.00
CA VAL A 252 -18.33 -6.94 -9.37
C VAL A 252 -19.22 -6.20 -10.34
N LEU A 253 -20.52 -6.10 -10.04
CA LEU A 253 -21.43 -5.35 -10.89
C LEU A 253 -20.98 -3.90 -11.03
N TYR A 254 -20.61 -3.27 -9.91
CA TYR A 254 -20.06 -1.92 -9.95
C TYR A 254 -18.86 -1.84 -10.87
N LEU A 255 -17.81 -2.65 -10.60
CA LEU A 255 -16.59 -2.53 -11.38
C LEU A 255 -16.81 -2.85 -12.85
N ALA A 256 -17.72 -3.77 -13.16
CA ALA A 256 -17.99 -4.15 -14.53
C ALA A 256 -18.76 -3.09 -15.30
N SER A 257 -19.51 -2.24 -14.61
CA SER A 257 -20.46 -1.37 -15.26
C SER A 257 -19.82 -0.04 -15.66
N GLU A 258 -20.62 0.80 -16.31
N GLU A 258 -20.62 0.79 -16.29
CA GLU A 258 -20.16 2.14 -16.67
CA GLU A 258 -20.20 2.13 -16.68
C GLU A 258 -20.24 3.13 -15.52
C GLU A 258 -20.28 3.12 -15.53
N GLU A 259 -20.59 2.66 -14.32
CA GLU A 259 -20.46 3.48 -13.12
C GLU A 259 -19.05 3.49 -12.60
N ALA A 260 -18.20 2.60 -13.10
CA ALA A 260 -16.79 2.58 -12.83
C ALA A 260 -15.99 2.85 -14.10
N SER A 261 -16.61 3.52 -15.07
CA SER A 261 -16.03 3.77 -16.38
C SER A 261 -14.64 4.39 -16.34
N TYR A 262 -14.22 4.95 -15.20
CA TYR A 262 -12.88 5.48 -15.07
C TYR A 262 -12.09 4.81 -13.98
N VAL A 263 -12.57 3.67 -13.47
CA VAL A 263 -11.91 2.93 -12.42
C VAL A 263 -11.08 1.82 -13.07
N SER A 264 -9.79 1.82 -12.78
CA SER A 264 -8.92 0.82 -13.38
C SER A 264 -7.66 0.71 -12.54
N GLY A 265 -7.13 -0.50 -12.44
CA GLY A 265 -5.99 -0.79 -11.61
C GLY A 265 -6.29 -0.96 -10.14
N VAL A 266 -7.54 -1.19 -9.76
CA VAL A 266 -7.95 -1.14 -8.36
C VAL A 266 -8.22 -2.55 -7.85
N ASN A 267 -7.59 -2.90 -6.73
CA ASN A 267 -7.92 -4.10 -5.95
C ASN A 267 -8.89 -3.69 -4.85
N LEU A 268 -10.18 -3.86 -5.11
CA LEU A 268 -11.21 -3.36 -4.21
C LEU A 268 -11.54 -4.39 -3.15
N LEU A 269 -11.27 -4.05 -1.90
CA LEU A 269 -11.46 -4.96 -0.77
C LEU A 269 -12.90 -4.94 -0.29
N VAL A 270 -13.46 -6.11 -0.05
CA VAL A 270 -14.78 -6.20 0.56
C VAL A 270 -14.65 -6.97 1.85
N ASP A 271 -14.21 -6.30 2.91
CA ASP A 271 -13.78 -7.00 4.11
C ASP A 271 -14.25 -6.33 5.39
N GLY A 272 -15.17 -5.36 5.32
CA GLY A 272 -15.69 -4.70 6.50
C GLY A 272 -14.62 -4.04 7.35
N GLY A 273 -13.47 -3.81 6.75
CA GLY A 273 -12.37 -3.18 7.42
C GLY A 273 -11.38 -4.14 8.02
N TYR A 274 -11.63 -5.45 7.90
CA TYR A 274 -10.80 -6.43 8.58
C TYR A 274 -9.32 -6.20 8.32
N THR A 275 -8.96 -5.82 7.10
CA THR A 275 -7.55 -5.73 6.75
C THR A 275 -6.86 -4.51 7.31
N VAL A 276 -7.59 -3.53 7.84
CA VAL A 276 -6.94 -2.28 8.24
C VAL A 276 -6.53 -2.27 9.70
N VAL A 277 -6.87 -3.31 10.47
CA VAL A 277 -6.65 -3.32 11.92
C VAL A 277 -5.94 -4.59 12.37
N ASN A 278 -4.95 -4.42 13.24
CA ASN A 278 -4.46 -5.48 14.11
C ASN A 278 -4.94 -5.19 15.53
N PRO A 279 -5.99 -5.84 16.00
CA PRO A 279 -6.60 -5.47 17.30
C PRO A 279 -5.91 -6.07 18.50
N THR A 280 -4.77 -6.73 18.32
CA THR A 280 -4.10 -7.41 19.42
C THR A 280 -3.69 -6.45 20.52
N PHE A 281 -3.10 -5.32 20.15
CA PHE A 281 -2.62 -4.37 21.14
C PHE A 281 -3.77 -3.85 22.00
N ILE A 282 -4.88 -3.49 21.37
CA ILE A 282 -6.01 -2.97 22.10
C ILE A 282 -6.62 -4.04 22.99
N ASN A 283 -6.59 -5.30 22.54
CA ASN A 283 -7.12 -6.38 23.34
C ASN A 283 -6.29 -6.61 24.60
N VAL A 284 -4.98 -6.41 24.53
CA VAL A 284 -4.13 -6.65 25.68
C VAL A 284 -4.22 -5.51 26.69
N ILE A 285 -4.33 -4.27 26.21
CA ILE A 285 -4.52 -3.15 27.13
C ILE A 285 -5.85 -3.30 27.85
N THR A 286 -6.89 -3.75 27.14
CA THR A 286 -8.20 -3.88 27.74
C THR A 286 -8.28 -5.09 28.68
N ALA A 287 -7.61 -6.19 28.31
CA ALA A 287 -7.67 -7.39 29.14
C ALA A 287 -7.06 -7.16 30.51
N GLY A 288 -5.81 -6.66 30.54
CA GLY A 288 -5.16 -6.34 31.78
C GLY A 288 -5.66 -5.08 32.47
N GLN A 289 -6.56 -4.34 31.84
CA GLN A 289 -7.14 -3.14 32.44
C GLN A 289 -8.61 -3.00 32.07
N ARG B 29 32.71 -6.35 10.62
CA ARG B 29 32.16 -7.68 10.38
C ARG B 29 30.85 -7.86 11.13
N ARG B 30 29.76 -7.69 10.39
CA ARG B 30 28.44 -7.61 10.97
C ARG B 30 27.70 -8.93 10.98
N LEU B 31 28.36 -10.04 10.65
CA LEU B 31 27.69 -11.34 10.68
C LEU B 31 28.65 -12.43 11.09
N GLU B 32 29.57 -12.12 11.99
CA GLU B 32 30.58 -13.08 12.37
C GLU B 32 29.93 -14.33 12.91
N GLY B 33 30.31 -15.48 12.38
CA GLY B 33 29.74 -16.74 12.78
C GLY B 33 28.46 -17.15 12.08
N LYS B 34 27.77 -16.22 11.43
CA LYS B 34 26.51 -16.56 10.78
C LYS B 34 26.74 -17.46 9.57
N VAL B 35 25.69 -18.19 9.20
CA VAL B 35 25.72 -19.11 8.07
C VAL B 35 24.65 -18.67 7.08
N ALA B 36 25.06 -18.47 5.82
CA ALA B 36 24.17 -17.95 4.80
C ALA B 36 24.14 -18.83 3.56
N ILE B 37 22.94 -19.06 3.03
CA ILE B 37 22.76 -19.71 1.75
C ILE B 37 22.29 -18.65 0.76
N VAL B 38 22.91 -18.62 -0.41
CA VAL B 38 22.56 -17.65 -1.43
C VAL B 38 22.24 -18.42 -2.70
N THR B 39 20.95 -18.54 -3.01
CA THR B 39 20.56 -19.20 -4.24
C THR B 39 20.59 -18.20 -5.39
N GLY B 40 21.14 -18.62 -6.52
CA GLY B 40 21.33 -17.70 -7.61
C GLY B 40 22.42 -16.72 -7.34
N GLY B 41 23.50 -17.15 -6.70
CA GLY B 41 24.52 -16.25 -6.23
C GLY B 41 25.85 -16.30 -6.97
N ALA B 42 25.85 -16.84 -8.18
CA ALA B 42 27.08 -16.87 -8.96
C ALA B 42 27.21 -15.68 -9.90
N SER B 43 26.13 -14.94 -10.11
CA SER B 43 26.18 -13.72 -10.90
C SER B 43 25.31 -12.66 -10.25
N GLY B 44 25.46 -11.43 -10.72
CA GLY B 44 24.48 -10.40 -10.44
C GLY B 44 24.39 -10.00 -8.98
N ILE B 45 23.17 -9.74 -8.54
CA ILE B 45 22.91 -9.36 -7.15
C ILE B 45 23.42 -10.45 -6.21
N GLY B 46 23.17 -11.71 -6.56
CA GLY B 46 23.58 -12.79 -5.70
C GLY B 46 25.09 -12.84 -5.48
N ALA B 47 25.85 -12.56 -6.54
CA ALA B 47 27.30 -12.65 -6.44
C ALA B 47 27.89 -11.53 -5.61
N SER B 48 27.31 -10.36 -5.65
CA SER B 48 27.82 -9.26 -4.84
C SER B 48 27.40 -9.42 -3.39
N THR B 49 26.24 -10.00 -3.14
CA THR B 49 25.87 -10.32 -1.77
C THR B 49 26.79 -11.37 -1.18
N VAL B 50 27.19 -12.37 -1.98
CA VAL B 50 28.13 -13.37 -1.52
C VAL B 50 29.45 -12.73 -1.11
N ARG B 51 29.99 -11.87 -1.99
CA ARG B 51 31.24 -11.17 -1.67
C ARG B 51 31.08 -10.33 -0.41
N LEU B 52 29.96 -9.62 -0.29
CA LEU B 52 29.73 -8.75 0.86
C LEU B 52 29.56 -9.57 2.12
N PHE B 53 28.64 -10.51 2.11
CA PHE B 53 28.46 -11.50 3.16
C PHE B 53 29.80 -12.07 3.62
N HIS B 54 30.74 -12.20 2.69
CA HIS B 54 32.04 -12.76 3.02
C HIS B 54 32.94 -11.74 3.73
N ASP B 55 32.97 -10.52 3.22
CA ASP B 55 33.78 -9.47 3.85
C ASP B 55 33.36 -9.23 5.28
N HIS B 56 32.08 -9.39 5.58
CA HIS B 56 31.57 -9.19 6.94
C HIS B 56 31.55 -10.46 7.79
N GLY B 57 32.24 -11.52 7.36
CA GLY B 57 32.52 -12.65 8.22
C GLY B 57 31.53 -13.79 8.21
N ALA B 58 30.60 -13.82 7.25
CA ALA B 58 29.68 -14.93 7.21
C ALA B 58 30.29 -16.15 6.53
N LYS B 59 29.82 -17.32 6.92
CA LYS B 59 29.96 -18.53 6.12
C LYS B 59 28.83 -18.56 5.09
N VAL B 60 29.17 -18.79 3.84
CA VAL B 60 28.21 -18.68 2.75
C VAL B 60 28.30 -19.91 1.88
N VAL B 61 27.14 -20.48 1.53
CA VAL B 61 27.02 -21.54 0.55
C VAL B 61 26.37 -20.96 -0.68
N ILE B 62 27.05 -21.07 -1.83
CA ILE B 62 26.52 -20.60 -3.09
C ILE B 62 25.74 -21.72 -3.74
N ALA B 63 24.52 -21.44 -4.16
CA ALA B 63 23.65 -22.42 -4.81
C ALA B 63 23.22 -21.88 -6.16
N ASP B 64 23.68 -22.53 -7.24
CA ASP B 64 23.36 -22.03 -8.57
C ASP B 64 23.47 -23.17 -9.59
N ILE B 65 22.91 -22.91 -10.77
CA ILE B 65 23.08 -23.78 -11.92
C ILE B 65 24.23 -23.34 -12.82
N GLN B 66 24.75 -22.15 -12.62
CA GLN B 66 25.95 -21.67 -13.32
C GLN B 66 27.16 -22.26 -12.61
N ASP B 67 27.49 -23.50 -12.97
CA ASP B 67 28.47 -24.26 -12.21
C ASP B 67 29.87 -23.69 -12.38
N ASP B 68 30.12 -23.01 -13.49
CA ASP B 68 31.46 -22.51 -13.77
C ASP B 68 31.75 -21.21 -13.02
N LEU B 69 30.82 -20.26 -13.09
CA LEU B 69 30.94 -19.05 -12.28
C LEU B 69 30.88 -19.38 -10.80
N GLY B 70 29.90 -20.20 -10.41
CA GLY B 70 29.71 -20.52 -9.00
C GLY B 70 30.95 -21.09 -8.36
N GLN B 71 31.61 -22.02 -9.02
CA GLN B 71 32.75 -22.67 -8.40
C GLN B 71 33.98 -21.77 -8.41
N THR B 72 34.16 -21.00 -9.49
CA THR B 72 35.26 -20.04 -9.56
C THR B 72 35.13 -18.98 -8.47
N LEU B 73 33.94 -18.47 -8.26
CA LEU B 73 33.72 -17.47 -7.22
C LEU B 73 33.98 -18.04 -5.85
N ALA B 74 33.48 -19.26 -5.60
CA ALA B 74 33.68 -19.88 -4.30
C ALA B 74 35.15 -20.17 -4.05
N ASP B 75 35.90 -20.49 -5.10
CA ASP B 75 37.32 -20.77 -4.90
C ASP B 75 38.13 -19.51 -4.68
N ARG B 76 37.68 -18.39 -5.23
CA ARG B 76 38.43 -17.15 -5.10
C ARG B 76 38.29 -16.53 -3.71
N LEU B 77 37.21 -16.84 -3.00
CA LEU B 77 36.86 -16.16 -1.77
C LEU B 77 37.38 -16.84 -0.51
N GLY B 78 37.71 -18.10 -0.56
CA GLY B 78 38.31 -18.74 0.59
C GLY B 78 37.50 -19.91 1.11
N ARG B 79 37.90 -20.37 2.30
N ARG B 79 37.88 -20.37 2.30
CA ARG B 79 37.35 -21.61 2.84
CA ARG B 79 37.34 -21.63 2.80
C ARG B 79 35.91 -21.48 3.28
C ARG B 79 35.91 -21.50 3.31
N ASN B 80 35.49 -20.30 3.74
CA ASN B 80 34.12 -20.16 4.25
C ASN B 80 33.10 -20.01 3.15
N ILE B 81 33.49 -20.07 1.89
CA ILE B 81 32.58 -19.91 0.78
C ILE B 81 32.72 -21.14 -0.09
N SER B 82 31.67 -21.94 -0.14
CA SER B 82 31.65 -23.14 -0.95
C SER B 82 30.44 -23.12 -1.86
N TYR B 83 30.57 -23.81 -2.98
CA TYR B 83 29.55 -23.85 -4.01
C TYR B 83 28.87 -25.21 -4.02
N THR B 84 27.57 -25.20 -4.24
CA THR B 84 26.78 -26.42 -4.36
C THR B 84 25.79 -26.24 -5.49
N HIS B 85 25.83 -27.15 -6.46
CA HIS B 85 24.89 -27.09 -7.57
C HIS B 85 23.49 -27.37 -7.08
N CYS B 86 22.58 -26.42 -7.30
CA CYS B 86 21.20 -26.63 -6.90
C CYS B 86 20.27 -25.99 -7.91
N ASP B 87 19.46 -26.80 -8.57
CA ASP B 87 18.32 -26.30 -9.30
C ASP B 87 17.16 -26.11 -8.33
N VAL B 88 16.69 -24.88 -8.18
CA VAL B 88 15.71 -24.56 -7.15
C VAL B 88 14.30 -24.90 -7.60
N THR B 89 14.17 -25.52 -8.76
CA THR B 89 12.90 -26.10 -9.11
C THR B 89 12.77 -27.54 -8.63
N ASP B 90 13.85 -28.12 -8.13
CA ASP B 90 13.92 -29.52 -7.74
C ASP B 90 14.02 -29.59 -6.21
N GLU B 91 12.96 -30.08 -5.56
CA GLU B 91 12.96 -30.07 -4.10
C GLU B 91 14.02 -31.00 -3.53
N ASP B 92 14.39 -32.06 -4.23
CA ASP B 92 15.43 -32.95 -3.70
C ASP B 92 16.75 -32.21 -3.57
N GLN B 93 17.11 -31.42 -4.58
CA GLN B 93 18.35 -30.66 -4.54
C GLN B 93 18.30 -29.57 -3.48
N VAL B 94 17.17 -28.90 -3.34
CA VAL B 94 17.03 -27.87 -2.31
C VAL B 94 17.19 -28.49 -0.93
N ARG B 95 16.52 -29.61 -0.70
N ARG B 95 16.52 -29.61 -0.70
CA ARG B 95 16.63 -30.30 0.58
CA ARG B 95 16.63 -30.29 0.58
C ARG B 95 18.06 -30.74 0.84
C ARG B 95 18.06 -30.73 0.85
N ALA B 96 18.75 -31.20 -0.20
CA ALA B 96 20.14 -31.59 -0.01
C ALA B 96 21.02 -30.39 0.30
N LEU B 97 20.75 -29.26 -0.34
CA LEU B 97 21.52 -28.05 -0.10
C LEU B 97 21.43 -27.61 1.35
N VAL B 98 20.23 -27.58 1.90
CA VAL B 98 20.06 -27.15 3.29
C VAL B 98 20.62 -28.20 4.24
N ASP B 99 20.42 -29.48 3.93
CA ASP B 99 20.93 -30.53 4.82
C ASP B 99 22.44 -30.52 4.89
N ALA B 100 23.11 -30.16 3.80
CA ALA B 100 24.56 -30.23 3.76
C ALA B 100 25.18 -29.03 4.44
N ALA B 101 24.57 -27.85 4.32
CA ALA B 101 25.03 -26.70 5.09
C ALA B 101 24.85 -26.92 6.59
N VAL B 102 23.77 -27.59 6.97
CA VAL B 102 23.60 -27.92 8.39
C VAL B 102 24.55 -29.02 8.81
N ALA B 103 24.95 -29.90 7.88
CA ALA B 103 25.96 -30.90 8.23
C ALA B 103 27.32 -30.26 8.39
N LYS B 104 27.60 -29.21 7.64
CA LYS B 104 28.93 -28.62 7.52
C LYS B 104 29.18 -27.45 8.47
N HIS B 105 28.18 -26.60 8.69
CA HIS B 105 28.35 -25.44 9.54
C HIS B 105 27.43 -25.42 10.75
N GLY B 106 26.58 -26.43 10.92
CA GLY B 106 25.80 -26.58 12.14
C GLY B 106 24.44 -25.89 12.17
N GLY B 107 24.05 -25.22 11.10
CA GLY B 107 22.79 -24.51 11.10
C GLY B 107 22.78 -23.47 10.01
N VAL B 108 21.60 -22.91 9.78
CA VAL B 108 21.43 -21.89 8.76
C VAL B 108 20.78 -20.67 9.38
N ASP B 109 21.52 -19.56 9.41
CA ASP B 109 21.01 -18.30 9.93
C ASP B 109 20.35 -17.45 8.87
N ILE B 110 20.89 -17.42 7.65
CA ILE B 110 20.36 -16.57 6.59
C ILE B 110 20.09 -17.39 5.34
N MET B 111 18.86 -17.32 4.85
CA MET B 111 18.54 -17.81 3.52
C MET B 111 18.25 -16.61 2.63
N PHE B 112 19.08 -16.40 1.61
CA PHE B 112 18.86 -15.37 0.60
C PHE B 112 18.38 -16.04 -0.68
N SER B 113 17.06 -16.08 -0.87
CA SER B 113 16.46 -16.68 -2.06
C SER B 113 16.51 -15.66 -3.19
N ASN B 114 17.55 -15.75 -4.01
CA ASN B 114 17.82 -14.79 -5.06
C ASN B 114 17.69 -15.36 -6.47
N ALA B 115 17.50 -16.67 -6.62
CA ALA B 115 17.41 -17.26 -7.95
C ALA B 115 16.16 -16.78 -8.69
N GLY B 116 16.30 -16.53 -9.98
CA GLY B 116 15.18 -16.11 -10.80
C GLY B 116 15.65 -15.70 -12.18
N ILE B 117 14.67 -15.52 -13.07
CA ILE B 117 14.90 -15.08 -14.44
C ILE B 117 14.05 -13.85 -14.72
N VAL B 118 14.54 -12.98 -15.61
CA VAL B 118 13.98 -11.65 -15.77
C VAL B 118 13.22 -11.53 -17.08
N GLU B 119 12.32 -10.55 -17.11
CA GLU B 119 11.52 -10.22 -18.29
C GLU B 119 11.29 -8.72 -18.33
N GLY B 120 11.78 -8.06 -19.37
CA GLY B 120 11.48 -6.67 -19.59
C GLY B 120 10.04 -6.48 -20.00
N PRO B 121 9.60 -5.22 -20.08
CA PRO B 121 8.19 -4.96 -20.36
C PRO B 121 7.76 -5.58 -21.68
N ASN B 122 6.60 -6.19 -21.67
CA ASN B 122 6.11 -6.88 -22.84
C ASN B 122 4.59 -6.73 -22.89
N SER B 123 3.97 -7.52 -23.75
CA SER B 123 2.54 -7.50 -23.97
C SER B 123 1.93 -8.77 -23.38
N ILE B 124 0.66 -8.67 -23.00
CA ILE B 124 -0.09 -9.87 -22.61
C ILE B 124 -0.25 -10.79 -23.81
N PHE B 125 -0.10 -10.25 -25.02
N PHE B 125 -0.10 -10.25 -25.02
CA PHE B 125 -0.12 -11.08 -26.21
CA PHE B 125 -0.12 -11.08 -26.21
C PHE B 125 1.15 -11.91 -26.34
C PHE B 125 1.15 -11.91 -26.34
N ASP B 126 2.25 -11.43 -25.76
CA ASP B 126 3.52 -12.14 -25.81
C ASP B 126 3.56 -13.36 -24.91
N VAL B 127 2.59 -13.53 -24.02
CA VAL B 127 2.70 -14.52 -22.95
C VAL B 127 2.37 -15.90 -23.48
N ASP B 128 3.33 -16.82 -23.39
CA ASP B 128 3.15 -18.21 -23.77
C ASP B 128 3.07 -19.06 -22.51
N LYS B 129 2.09 -19.96 -22.46
CA LYS B 129 1.81 -20.72 -21.24
C LYS B 129 3.03 -21.51 -20.78
N ASP B 130 3.72 -22.18 -21.70
CA ASP B 130 4.90 -22.94 -21.31
C ASP B 130 5.96 -22.02 -20.72
N GLU B 131 6.13 -20.84 -21.31
N GLU B 131 6.12 -20.84 -21.31
CA GLU B 131 7.10 -19.88 -20.79
CA GLU B 131 7.08 -19.87 -20.83
C GLU B 131 6.66 -19.32 -19.45
C GLU B 131 6.66 -19.32 -19.47
N LEU B 132 5.37 -19.04 -19.30
CA LEU B 132 4.87 -18.57 -18.01
C LEU B 132 5.12 -19.58 -16.91
N GLU B 133 4.88 -20.86 -17.19
CA GLU B 133 5.06 -21.90 -16.17
C GLU B 133 6.54 -22.13 -15.88
N ARG B 134 7.40 -21.95 -16.86
CA ARG B 134 8.83 -22.06 -16.60
C ARG B 134 9.31 -20.94 -15.69
N LEU B 135 8.79 -19.73 -15.89
CA LEU B 135 9.18 -18.61 -15.06
C LEU B 135 8.59 -18.72 -13.66
N MET B 136 7.32 -19.08 -13.55
CA MET B 136 6.72 -19.31 -12.24
C MET B 136 7.48 -20.36 -11.45
N GLY B 137 7.99 -21.38 -12.13
CA GLY B 137 8.68 -22.45 -11.44
C GLY B 137 10.02 -22.02 -10.85
N ILE B 138 10.72 -21.13 -11.55
CA ILE B 138 12.02 -20.69 -11.06
C ILE B 138 11.86 -19.57 -10.05
N ASN B 139 11.04 -18.58 -10.39
CA ASN B 139 10.94 -17.40 -9.54
C ASN B 139 10.15 -17.69 -8.27
N LEU B 140 8.95 -18.26 -8.42
CA LEU B 140 8.03 -18.37 -7.31
C LEU B 140 8.14 -19.71 -6.59
N VAL B 141 8.04 -20.83 -7.31
CA VAL B 141 8.12 -22.13 -6.68
C VAL B 141 9.51 -22.38 -6.09
N GLY B 142 10.56 -21.84 -6.71
CA GLY B 142 11.87 -21.91 -6.11
C GLY B 142 11.96 -21.20 -4.78
N ALA B 143 11.19 -20.12 -4.61
CA ALA B 143 11.20 -19.39 -3.35
C ALA B 143 10.47 -20.15 -2.26
N PHE B 144 9.36 -20.79 -2.59
CA PHE B 144 8.66 -21.66 -1.64
C PHE B 144 9.59 -22.74 -1.10
N LEU B 145 10.32 -23.40 -1.98
CA LEU B 145 11.16 -24.51 -1.55
C LEU B 145 12.34 -24.02 -0.73
N ALA B 146 12.95 -22.92 -1.15
CA ALA B 146 13.99 -22.28 -0.34
C ALA B 146 13.46 -21.95 1.04
N ALA B 147 12.29 -21.33 1.12
CA ALA B 147 11.69 -20.99 2.40
C ALA B 147 11.37 -22.23 3.21
N LYS B 148 10.71 -23.20 2.58
CA LYS B 148 10.24 -24.38 3.32
C LYS B 148 11.38 -25.14 3.96
N HIS B 149 12.54 -25.20 3.30
CA HIS B 149 13.63 -25.97 3.84
C HIS B 149 14.52 -25.17 4.78
N ALA B 150 14.64 -23.86 4.59
CA ALA B 150 15.29 -23.05 5.60
C ALA B 150 14.49 -23.05 6.90
N ALA B 151 13.19 -22.80 6.82
CA ALA B 151 12.32 -22.87 8.01
C ALA B 151 12.47 -24.20 8.73
N ARG B 152 12.64 -25.28 7.97
CA ARG B 152 12.76 -26.61 8.57
C ARG B 152 13.97 -26.71 9.48
N VAL B 153 15.04 -25.99 9.17
CA VAL B 153 16.21 -26.03 10.02
C VAL B 153 16.25 -24.88 11.02
N MET B 154 15.57 -23.77 10.74
CA MET B 154 15.63 -22.60 11.63
C MET B 154 14.66 -22.68 12.79
N VAL B 155 13.45 -23.17 12.57
CA VAL B 155 12.41 -23.23 13.60
C VAL B 155 12.91 -23.95 14.85
N PRO B 156 13.45 -25.17 14.79
CA PRO B 156 14.03 -25.77 15.98
C PRO B 156 15.21 -25.01 16.57
N ALA B 157 15.83 -24.10 15.83
CA ALA B 157 16.89 -23.29 16.41
C ALA B 157 16.39 -21.99 17.01
N LYS B 158 15.18 -21.58 16.67
CA LYS B 158 14.47 -20.41 17.16
C LYS B 158 15.15 -19.12 16.76
N LYS B 159 15.91 -19.10 15.68
CA LYS B 159 16.46 -17.90 15.11
C LYS B 159 16.59 -18.09 13.61
N GLY B 160 16.67 -17.00 12.88
CA GLY B 160 17.04 -17.04 11.48
C GLY B 160 16.45 -15.90 10.71
N CYS B 161 16.95 -15.73 9.49
CA CYS B 161 16.46 -14.71 8.56
C CYS B 161 16.27 -15.29 7.17
N ILE B 162 15.11 -15.04 6.58
CA ILE B 162 14.87 -15.35 5.17
C ILE B 162 14.69 -14.04 4.42
N ILE B 163 15.47 -13.84 3.36
CA ILE B 163 15.36 -12.66 2.50
C ILE B 163 15.08 -13.12 1.08
N PHE B 164 14.09 -12.50 0.44
CA PHE B 164 13.80 -12.74 -0.97
C PHE B 164 14.17 -11.52 -1.80
N THR B 165 14.59 -11.78 -3.04
CA THR B 165 14.72 -10.73 -4.03
C THR B 165 13.42 -10.63 -4.82
N ALA B 166 12.68 -9.55 -4.61
CA ALA B 166 11.48 -9.25 -5.37
C ALA B 166 11.87 -8.29 -6.50
N SER B 167 11.15 -7.20 -6.74
CA SER B 167 11.56 -6.22 -7.73
C SER B 167 10.74 -4.98 -7.52
N ALA B 168 11.28 -3.84 -7.96
CA ALA B 168 10.52 -2.61 -7.90
C ALA B 168 9.19 -2.71 -8.63
N CYS B 169 9.05 -3.70 -9.51
CA CYS B 169 7.78 -3.87 -10.21
C CYS B 169 6.65 -4.25 -9.25
N THR B 170 6.98 -4.74 -8.06
CA THR B 170 5.95 -5.05 -7.07
C THR B 170 5.28 -3.79 -6.52
N GLU B 171 5.79 -2.62 -6.87
CA GLU B 171 5.23 -1.37 -6.38
C GLU B 171 4.76 -0.45 -7.48
N ILE B 172 5.30 -0.55 -8.69
CA ILE B 172 4.87 0.29 -9.80
C ILE B 172 4.92 -0.54 -11.09
N ALA B 173 3.95 -0.29 -11.96
CA ALA B 173 3.91 -0.96 -13.25
C ALA B 173 4.85 -0.28 -14.25
N GLY B 174 5.02 -0.94 -15.38
CA GLY B 174 5.77 -0.38 -16.49
C GLY B 174 7.26 -0.58 -16.46
N ILE B 175 7.78 -1.53 -15.68
CA ILE B 175 9.22 -1.75 -15.70
C ILE B 175 9.57 -3.22 -15.79
N ALA B 176 8.59 -4.08 -16.02
CA ALA B 176 8.86 -5.51 -16.07
C ALA B 176 7.74 -6.23 -16.80
N GLY B 177 8.07 -7.41 -17.30
CA GLY B 177 7.11 -8.19 -18.03
C GLY B 177 6.00 -8.72 -17.16
N HIS B 178 4.87 -9.04 -17.80
CA HIS B 178 3.68 -9.47 -17.08
C HIS B 178 3.97 -10.70 -16.23
N SER B 179 4.52 -11.75 -16.84
CA SER B 179 4.82 -12.97 -16.08
C SER B 179 5.77 -12.67 -14.94
N TYR B 180 6.81 -11.89 -15.19
CA TYR B 180 7.77 -11.58 -14.15
C TYR B 180 7.11 -10.81 -13.01
N THR B 181 6.22 -9.88 -13.33
CA THR B 181 5.59 -9.08 -12.28
C THR B 181 4.74 -9.95 -11.37
N ALA B 182 3.93 -10.83 -11.97
CA ALA B 182 3.06 -11.71 -11.18
C ALA B 182 3.89 -12.59 -10.25
N SER B 183 4.97 -13.19 -10.77
CA SER B 183 5.80 -14.02 -9.91
C SER B 183 6.43 -13.22 -8.80
N LYS B 184 6.76 -11.94 -9.03
CA LYS B 184 7.38 -11.16 -7.99
C LYS B 184 6.38 -10.67 -6.96
N TYR B 185 5.12 -10.45 -7.35
CA TYR B 185 4.08 -10.20 -6.36
C TYR B 185 3.87 -11.41 -5.48
N GLY B 186 3.79 -12.60 -6.09
CA GLY B 186 3.67 -13.81 -5.31
C GLY B 186 4.74 -13.93 -4.25
N ILE B 187 5.95 -13.47 -4.55
CA ILE B 187 7.01 -13.56 -3.56
C ILE B 187 6.73 -12.64 -2.39
N VAL B 188 6.21 -11.44 -2.65
CA VAL B 188 5.88 -10.53 -1.55
C VAL B 188 4.84 -11.18 -0.64
N GLY B 189 3.79 -11.73 -1.23
CA GLY B 189 2.77 -12.41 -0.44
C GLY B 189 3.32 -13.58 0.35
N LEU B 190 4.13 -14.41 -0.29
CA LEU B 190 4.78 -15.48 0.45
C LEU B 190 5.62 -14.93 1.59
N MET B 191 6.34 -13.83 1.36
CA MET B 191 7.18 -13.27 2.40
C MET B 191 6.39 -12.77 3.59
N LYS B 192 5.18 -12.26 3.34
CA LYS B 192 4.42 -11.69 4.44
C LYS B 192 3.72 -12.77 5.26
N SER B 193 3.26 -13.83 4.60
CA SER B 193 2.75 -14.99 5.32
C SER B 193 3.84 -15.62 6.17
N LEU B 194 5.03 -15.78 5.59
CA LEU B 194 6.16 -16.30 6.36
C LEU B 194 6.45 -15.44 7.57
N ALA B 195 6.33 -14.12 7.42
CA ALA B 195 6.67 -13.23 8.53
C ALA B 195 5.77 -13.47 9.72
N VAL B 196 4.54 -13.87 9.46
CA VAL B 196 3.59 -14.17 10.53
C VAL B 196 3.86 -15.54 11.13
N GLU B 197 3.87 -16.57 10.29
CA GLU B 197 4.08 -17.93 10.78
C GLU B 197 5.39 -18.04 11.53
N LEU B 198 6.47 -17.53 10.96
CA LEU B 198 7.77 -17.74 11.56
C LEU B 198 8.11 -16.74 12.64
N GLY B 199 7.40 -15.62 12.74
CA GLY B 199 7.67 -14.70 13.83
C GLY B 199 7.49 -15.35 15.18
N SER B 200 6.55 -16.29 15.26
N SER B 200 6.55 -16.30 15.26
CA SER B 200 6.29 -17.03 16.49
CA SER B 200 6.29 -17.04 16.48
C SER B 200 7.49 -17.82 16.97
C SER B 200 7.49 -17.81 16.96
N HIS B 201 8.44 -18.10 16.08
CA HIS B 201 9.66 -18.84 16.43
C HIS B 201 10.91 -17.96 16.38
N GLY B 202 10.76 -16.65 16.30
CA GLY B 202 11.91 -15.77 16.26
C GLY B 202 12.47 -15.49 14.90
N ILE B 203 11.83 -15.95 13.84
CA ILE B 203 12.42 -15.93 12.51
C ILE B 203 11.85 -14.76 11.71
N ARG B 204 12.71 -14.03 11.02
CA ARG B 204 12.30 -12.89 10.22
C ARG B 204 12.29 -13.23 8.74
N ALA B 205 11.35 -12.63 8.02
CA ALA B 205 11.31 -12.70 6.56
C ALA B 205 11.14 -11.30 5.98
N ASN B 206 11.87 -11.00 4.92
CA ASN B 206 11.78 -9.71 4.25
C ASN B 206 12.14 -9.87 2.78
N CYS B 207 11.78 -8.87 1.99
CA CYS B 207 12.08 -8.80 0.57
C CYS B 207 12.88 -7.54 0.31
N VAL B 208 13.67 -7.55 -0.75
CA VAL B 208 14.31 -6.35 -1.25
C VAL B 208 13.98 -6.21 -2.72
N SER B 209 13.45 -5.05 -3.11
CA SER B 209 12.94 -4.80 -4.46
C SER B 209 13.78 -3.75 -5.17
N PRO B 210 14.78 -4.14 -5.93
CA PRO B 210 15.63 -3.15 -6.62
C PRO B 210 15.02 -2.68 -7.92
N PHE B 211 15.59 -1.62 -8.46
CA PHE B 211 15.14 -1.01 -9.70
C PHE B 211 16.33 -0.58 -10.55
N GLY B 212 16.45 -1.15 -11.74
CA GLY B 212 17.48 -0.71 -12.65
C GLY B 212 18.88 -1.14 -12.26
N VAL B 213 19.04 -2.38 -11.85
CA VAL B 213 20.31 -2.88 -11.35
C VAL B 213 21.30 -3.12 -12.50
N MET B 227 25.04 3.16 -22.59
CA MET B 227 23.81 2.68 -23.23
C MET B 227 22.69 2.49 -22.21
N PHE B 228 22.90 1.57 -21.25
CA PHE B 228 21.91 1.30 -20.23
C PHE B 228 21.99 2.25 -19.06
N GLU B 229 23.16 2.82 -18.78
CA GLU B 229 23.27 3.77 -17.68
C GLU B 229 22.82 5.16 -18.09
N GLY B 230 22.97 5.51 -19.37
CA GLY B 230 22.37 6.74 -19.86
C GLY B 230 20.87 6.69 -19.79
N ILE B 231 20.29 5.53 -20.09
CA ILE B 231 18.86 5.32 -19.88
C ILE B 231 18.51 5.56 -18.41
N MET B 232 19.22 4.90 -17.50
CA MET B 232 18.92 5.04 -16.09
C MET B 232 19.15 6.47 -15.60
N SER B 233 20.11 7.18 -16.20
CA SER B 233 20.31 8.58 -15.86
C SER B 233 19.11 9.42 -16.28
N LYS B 234 18.46 9.04 -17.37
CA LYS B 234 17.25 9.73 -17.81
C LYS B 234 16.02 9.27 -17.04
N VAL B 235 16.01 8.03 -16.60
CA VAL B 235 14.79 7.45 -16.05
C VAL B 235 14.68 7.63 -14.53
N GLY B 236 15.81 7.63 -13.82
CA GLY B 236 15.76 7.64 -12.37
C GLY B 236 15.14 8.92 -11.80
N ASN B 237 14.42 8.76 -10.71
CA ASN B 237 13.89 9.90 -9.98
C ASN B 237 14.98 10.60 -9.19
N LEU B 238 15.83 9.85 -8.53
CA LEU B 238 16.95 10.41 -7.80
C LEU B 238 18.17 10.52 -8.71
N LYS B 239 18.73 11.72 -8.81
CA LYS B 239 19.75 12.04 -9.78
C LYS B 239 21.13 12.07 -9.15
N GLY B 240 22.14 11.87 -9.99
CA GLY B 240 23.50 11.86 -9.51
C GLY B 240 23.89 10.61 -8.77
N LYS B 241 23.26 9.49 -9.10
CA LYS B 241 23.51 8.23 -8.41
C LYS B 241 22.92 7.10 -9.23
N ILE B 242 23.77 6.15 -9.62
CA ILE B 242 23.36 5.01 -10.44
C ILE B 242 23.33 3.76 -9.56
N LEU B 243 22.24 3.01 -9.64
CA LEU B 243 22.11 1.81 -8.82
C LEU B 243 22.99 0.70 -9.39
N THR B 244 23.82 0.13 -8.54
CA THR B 244 24.62 -1.03 -8.89
C THR B 244 24.17 -2.23 -8.09
N ALA B 245 24.66 -3.40 -8.49
CA ALA B 245 24.43 -4.60 -7.71
C ALA B 245 25.01 -4.47 -6.33
N GLU B 246 26.16 -3.82 -6.19
N GLU B 246 26.16 -3.82 -6.19
CA GLU B 246 26.79 -3.65 -4.89
CA GLU B 246 26.79 -3.65 -4.89
C GLU B 246 25.90 -2.88 -3.93
C GLU B 246 25.90 -2.88 -3.93
N ASP B 247 25.13 -1.91 -4.43
CA ASP B 247 24.22 -1.19 -3.56
C ASP B 247 23.14 -2.10 -2.99
N VAL B 248 22.59 -2.99 -3.83
CA VAL B 248 21.58 -3.92 -3.34
C VAL B 248 22.16 -4.84 -2.28
N ALA B 249 23.34 -5.39 -2.55
CA ALA B 249 23.99 -6.25 -1.57
C ALA B 249 24.07 -5.59 -0.20
N VAL B 250 24.29 -4.28 -0.18
CA VAL B 250 24.35 -3.56 1.09
C VAL B 250 23.00 -3.55 1.79
N THR B 251 21.92 -3.43 1.01
CA THR B 251 20.60 -3.46 1.62
C THR B 251 20.24 -4.85 2.14
N VAL B 252 20.66 -5.90 1.45
CA VAL B 252 20.47 -7.25 1.97
C VAL B 252 21.28 -7.44 3.25
N LEU B 253 22.47 -6.84 3.30
CA LEU B 253 23.28 -6.91 4.51
C LEU B 253 22.54 -6.33 5.69
N TYR B 254 21.92 -5.17 5.52
CA TYR B 254 21.10 -4.58 6.56
C TYR B 254 20.01 -5.55 7.02
N LEU B 255 19.17 -6.01 6.10
CA LEU B 255 18.04 -6.84 6.50
C LEU B 255 18.48 -8.15 7.13
N ALA B 256 19.62 -8.69 6.69
CA ALA B 256 20.11 -9.95 7.22
C ALA B 256 20.71 -9.82 8.61
N SER B 257 21.18 -8.64 8.98
CA SER B 257 21.99 -8.47 10.17
C SER B 257 21.10 -8.20 11.39
N GLU B 258 21.74 -8.05 12.54
N GLU B 258 21.75 -8.04 12.54
CA GLU B 258 21.04 -7.67 13.76
CA GLU B 258 21.06 -7.67 13.76
C GLU B 258 20.79 -6.19 13.87
C GLU B 258 20.78 -6.19 13.86
N GLU B 259 21.11 -5.41 12.83
CA GLU B 259 20.67 -4.03 12.75
C GLU B 259 19.22 -3.94 12.30
N ALA B 260 18.67 -5.05 11.83
CA ALA B 260 17.25 -5.16 11.50
C ALA B 260 16.58 -6.21 12.35
N SER B 261 17.14 -6.47 13.55
CA SER B 261 16.66 -7.53 14.42
C SER B 261 15.18 -7.47 14.74
N TYR B 262 14.52 -6.34 14.46
CA TYR B 262 13.08 -6.25 14.67
C TYR B 262 12.34 -5.91 13.39
N VAL B 263 13.00 -6.02 12.24
CA VAL B 263 12.41 -5.73 10.95
C VAL B 263 11.93 -7.04 10.34
N SER B 264 10.65 -7.10 10.02
CA SER B 264 10.10 -8.32 9.46
C SER B 264 8.80 -7.99 8.74
N GLY B 265 8.56 -8.69 7.65
CA GLY B 265 7.42 -8.44 6.80
C GLY B 265 7.57 -7.27 5.85
N VAL B 266 8.79 -6.82 5.59
CA VAL B 266 9.01 -5.57 4.85
C VAL B 266 9.52 -5.87 3.45
N ASN B 267 8.86 -5.31 2.45
CA ASN B 267 9.36 -5.27 1.07
C ASN B 267 10.07 -3.94 0.88
N LEU B 268 11.38 -3.95 1.04
CA LEU B 268 12.18 -2.73 1.03
C LEU B 268 12.62 -2.38 -0.39
N LEU B 269 12.13 -1.26 -0.90
CA LEU B 269 12.43 -0.81 -2.25
C LEU B 269 13.76 -0.09 -2.32
N VAL B 270 14.53 -0.39 -3.34
CA VAL B 270 15.75 0.36 -3.61
C VAL B 270 15.64 0.95 -5.00
N ASP B 271 14.92 2.06 -5.12
CA ASP B 271 14.52 2.56 -6.43
C ASP B 271 14.67 4.06 -6.59
N GLY B 272 15.35 4.74 -5.66
CA GLY B 272 15.57 6.17 -5.74
C GLY B 272 14.29 6.98 -5.84
N GLY B 273 13.19 6.37 -5.44
CA GLY B 273 11.91 7.01 -5.44
C GLY B 273 11.10 6.74 -6.68
N TYR B 274 11.64 5.99 -7.64
CA TYR B 274 10.98 5.80 -8.93
C TYR B 274 9.53 5.40 -8.75
N THR B 275 9.24 4.54 -7.78
CA THR B 275 7.90 4.00 -7.66
C THR B 275 6.89 4.97 -7.09
N VAL B 276 7.31 6.09 -6.52
CA VAL B 276 6.36 6.96 -5.83
C VAL B 276 5.79 8.04 -6.72
N VAL B 277 6.26 8.17 -7.96
CA VAL B 277 5.88 9.28 -8.83
C VAL B 277 5.42 8.79 -10.20
N ASN B 278 4.33 9.36 -10.69
CA ASN B 278 3.99 9.37 -12.10
C ASN B 278 4.23 10.78 -12.63
N PRO B 279 5.35 11.04 -13.31
CA PRO B 279 5.69 12.41 -13.69
C PRO B 279 5.02 12.91 -14.96
N THR B 280 4.08 12.14 -15.52
CA THR B 280 3.46 12.51 -16.78
C THR B 280 2.72 13.83 -16.69
N PHE B 281 1.92 14.01 -15.64
CA PHE B 281 1.15 15.23 -15.50
C PHE B 281 2.03 16.46 -15.45
N ILE B 282 3.11 16.40 -14.66
CA ILE B 282 4.01 17.53 -14.53
C ILE B 282 4.72 17.79 -15.85
N ASN B 283 5.03 16.74 -16.59
CA ASN B 283 5.70 16.92 -17.86
C ASN B 283 4.82 17.62 -18.88
N VAL B 284 3.50 17.41 -18.83
CA VAL B 284 2.61 18.04 -19.80
C VAL B 284 2.30 19.48 -19.40
N ILE B 285 2.18 19.75 -18.10
CA ILE B 285 2.03 21.13 -17.65
C ILE B 285 3.28 21.93 -18.01
N THR B 286 4.46 21.36 -17.70
CA THR B 286 5.70 22.10 -17.82
C THR B 286 6.00 22.48 -19.27
N ALA B 287 5.75 21.56 -20.20
CA ALA B 287 5.99 21.86 -21.61
C ALA B 287 5.15 23.04 -22.09
N GLY B 288 4.02 23.30 -21.45
CA GLY B 288 3.17 24.41 -21.81
C GLY B 288 3.45 25.65 -20.99
N GLN B 289 3.96 25.44 -19.78
CA GLN B 289 4.37 26.54 -18.92
C GLN B 289 5.89 26.57 -18.80
N ARG C 29 32.67 3.94 11.78
CA ARG C 29 32.18 5.31 11.67
C ARG C 29 31.61 5.54 10.28
N ARG C 30 30.29 5.47 10.18
CA ARG C 30 29.61 5.46 8.91
C ARG C 30 29.12 6.83 8.47
N LEU C 31 29.49 7.90 9.15
CA LEU C 31 29.08 9.23 8.73
C LEU C 31 30.15 10.25 9.04
N GLU C 32 31.41 9.87 8.88
CA GLU C 32 32.50 10.74 9.25
C GLU C 32 32.40 12.06 8.48
N GLY C 33 32.49 13.16 9.21
CA GLY C 33 32.41 14.47 8.58
C GLY C 33 31.01 14.97 8.29
N LYS C 34 29.98 14.15 8.44
CA LYS C 34 28.64 14.58 8.11
C LYS C 34 28.02 15.42 9.24
N VAL C 35 27.05 16.24 8.88
CA VAL C 35 26.41 17.17 9.79
C VAL C 35 24.94 16.82 9.89
N ALA C 36 24.46 16.61 11.12
CA ALA C 36 23.10 16.16 11.37
C ALA C 36 22.38 17.09 12.34
N ILE C 37 21.12 17.39 12.03
CA ILE C 37 20.23 18.08 12.93
C ILE C 37 19.19 17.08 13.41
N VAL C 38 18.96 17.03 14.71
CA VAL C 38 17.98 16.11 15.29
C VAL C 38 17.00 16.92 16.11
N THR C 39 15.82 17.14 15.57
CA THR C 39 14.79 17.84 16.30
C THR C 39 14.04 16.87 17.20
N GLY C 40 13.80 17.28 18.44
CA GLY C 40 13.22 16.37 19.39
C GLY C 40 14.18 15.30 19.83
N GLY C 41 15.45 15.66 19.98
CA GLY C 41 16.51 14.71 20.24
C GLY C 41 17.07 14.69 21.64
N ALA C 42 16.37 15.25 22.61
CA ALA C 42 16.86 15.21 23.99
C ALA C 42 16.32 14.04 24.77
N SER C 43 15.29 13.36 24.27
CA SER C 43 14.76 12.17 24.89
C SER C 43 14.41 11.15 23.81
N GLY C 44 14.16 9.91 24.25
CA GLY C 44 13.50 8.94 23.41
C GLY C 44 14.29 8.52 22.19
N ILE C 45 13.59 8.33 21.08
CA ILE C 45 14.23 7.94 19.83
C ILE C 45 15.28 8.97 19.41
N GLY C 46 14.94 10.26 19.57
CA GLY C 46 15.87 11.29 19.17
C GLY C 46 17.18 11.24 19.93
N ALA C 47 17.12 10.93 21.21
CA ALA C 47 18.33 10.94 22.04
C ALA C 47 19.23 9.77 21.72
N SER C 48 18.67 8.62 21.36
CA SER C 48 19.50 7.49 21.02
C SER C 48 20.08 7.64 19.62
N THR C 49 19.35 8.28 18.73
CA THR C 49 19.93 8.60 17.42
C THR C 49 21.07 9.58 17.54
N VAL C 50 20.96 10.55 18.44
CA VAL C 50 22.04 11.50 18.68
C VAL C 50 23.29 10.76 19.15
N ARG C 51 23.13 9.89 20.16
CA ARG C 51 24.26 9.10 20.66
C ARG C 51 24.85 8.25 19.55
N LEU C 52 24.01 7.61 18.75
CA LEU C 52 24.48 6.73 17.69
C LEU C 52 25.18 7.53 16.60
N PHE C 53 24.50 8.53 16.07
CA PHE C 53 25.07 9.51 15.15
C PHE C 53 26.44 9.97 15.63
N HIS C 54 26.61 10.06 16.94
CA HIS C 54 27.88 10.54 17.49
C HIS C 54 28.95 9.46 17.47
N ASP C 55 28.61 8.24 17.88
CA ASP C 55 29.54 7.13 17.85
C ASP C 55 30.08 6.89 16.45
N HIS C 56 29.27 7.12 15.43
CA HIS C 56 29.70 6.92 14.05
C HIS C 56 30.28 8.17 13.40
N GLY C 57 30.63 9.19 14.17
CA GLY C 57 31.44 10.29 13.69
C GLY C 57 30.73 11.49 13.12
N ALA C 58 29.42 11.60 13.30
CA ALA C 58 28.73 12.77 12.78
C ALA C 58 28.87 13.96 13.72
N LYS C 59 28.81 15.15 13.15
CA LYS C 59 28.50 16.36 13.90
C LYS C 59 26.99 16.47 14.01
N VAL C 60 26.50 16.71 15.22
CA VAL C 60 25.06 16.69 15.48
C VAL C 60 24.68 17.94 16.25
N VAL C 61 23.59 18.57 15.83
CA VAL C 61 22.96 19.67 16.54
C VAL C 61 21.65 19.15 17.11
N ILE C 62 21.49 19.25 18.42
CA ILE C 62 20.26 18.84 19.09
C ILE C 62 19.32 20.03 19.14
N ALA C 63 18.09 19.83 18.72
CA ALA C 63 17.07 20.88 18.71
C ALA C 63 15.87 20.40 19.51
N ASP C 64 15.60 21.04 20.65
CA ASP C 64 14.50 20.59 21.49
C ASP C 64 14.03 21.73 22.38
N ILE C 65 12.86 21.54 22.96
CA ILE C 65 12.33 22.43 24.00
C ILE C 65 12.65 21.93 25.41
N GLN C 66 13.10 20.69 25.54
CA GLN C 66 13.60 20.17 26.82
C GLN C 66 15.02 20.66 27.01
N ASP C 67 15.13 21.89 27.51
CA ASP C 67 16.42 22.56 27.55
C ASP C 67 17.38 21.91 28.53
N ASP C 68 16.86 21.24 29.56
CA ASP C 68 17.70 20.66 30.58
C ASP C 68 18.31 19.34 30.14
N LEU C 69 17.47 18.43 29.61
CA LEU C 69 18.00 17.21 29.01
C LEU C 69 18.88 17.52 27.82
N GLY C 70 18.39 18.39 26.93
CA GLY C 70 19.13 18.68 25.71
C GLY C 70 20.54 19.16 25.97
N GLN C 71 20.71 20.07 26.93
CA GLN C 71 22.03 20.63 27.15
C GLN C 71 22.93 19.65 27.90
N THR C 72 22.36 18.90 28.84
CA THR C 72 23.13 17.87 29.54
C THR C 72 23.63 16.80 28.59
N LEU C 73 22.78 16.36 27.68
CA LEU C 73 23.19 15.34 26.71
C LEU C 73 24.28 15.88 25.79
N ALA C 74 24.09 17.11 25.30
CA ALA C 74 25.09 17.70 24.43
C ALA C 74 26.41 17.90 25.15
N ASP C 75 26.37 18.15 26.45
CA ASP C 75 27.61 18.37 27.18
C ASP C 75 28.37 17.09 27.45
N ARG C 76 27.66 15.98 27.64
CA ARG C 76 28.32 14.72 27.94
C ARG C 76 28.97 14.09 26.73
N LEU C 77 28.51 14.42 25.53
CA LEU C 77 28.94 13.73 24.32
C LEU C 77 30.16 14.35 23.65
N GLY C 78 30.45 15.61 23.88
CA GLY C 78 31.68 16.19 23.38
C GLY C 78 31.44 17.37 22.49
N ARG C 79 32.52 17.79 21.81
N ARG C 79 32.50 17.79 21.79
CA ARG C 79 32.51 19.05 21.07
CA ARG C 79 32.47 19.06 21.10
C ARG C 79 31.62 18.98 19.84
C ARG C 79 31.65 19.00 19.81
N ASN C 80 31.52 17.84 19.17
CA ASN C 80 30.76 17.76 17.93
C ASN C 80 29.27 17.70 18.15
N ILE C 81 28.80 17.86 19.37
CA ILE C 81 27.39 17.72 19.69
C ILE C 81 27.01 18.92 20.53
N SER C 82 26.21 19.81 19.96
CA SER C 82 25.79 21.03 20.61
C SER C 82 24.27 21.09 20.59
N TYR C 83 23.73 21.80 21.57
CA TYR C 83 22.29 21.92 21.75
C TYR C 83 21.84 23.31 21.36
N THR C 84 20.67 23.40 20.74
CA THR C 84 20.06 24.66 20.37
C THR C 84 18.58 24.57 20.65
N HIS C 85 18.06 25.49 21.46
CA HIS C 85 16.64 25.52 21.76
C HIS C 85 15.85 25.87 20.51
N CYS C 86 14.95 24.99 20.10
CA CYS C 86 14.12 25.28 18.95
C CYS C 86 12.72 24.72 19.16
N ASP C 87 11.74 25.59 19.19
CA ASP C 87 10.36 25.18 19.06
C ASP C 87 10.04 25.03 17.57
N VAL C 88 9.68 23.82 17.15
CA VAL C 88 9.53 23.55 15.72
C VAL C 88 8.16 23.98 15.21
N THR C 89 7.38 24.63 16.07
CA THR C 89 6.20 25.31 15.58
C THR C 89 6.48 26.72 15.14
N ASP C 90 7.68 27.23 15.44
CA ASP C 90 8.07 28.61 15.18
C ASP C 90 9.07 28.64 14.05
N GLU C 91 8.66 29.13 12.88
CA GLU C 91 9.54 29.08 11.71
C GLU C 91 10.80 29.92 11.92
N ASP C 92 10.73 30.97 12.75
N ASP C 92 10.73 30.95 12.76
CA ASP C 92 11.92 31.78 12.99
CA ASP C 92 11.91 31.79 12.99
C ASP C 92 13.01 31.00 13.70
C ASP C 92 13.00 31.00 13.70
N GLN C 93 12.64 30.21 14.71
CA GLN C 93 13.61 29.40 15.42
C GLN C 93 14.15 28.29 14.54
N VAL C 94 13.30 27.70 13.69
CA VAL C 94 13.77 26.66 12.78
C VAL C 94 14.77 27.25 11.80
N ARG C 95 14.45 28.41 11.23
N ARG C 95 14.45 28.41 11.23
CA ARG C 95 15.35 29.07 10.31
CA ARG C 95 15.35 29.07 10.31
C ARG C 95 16.66 29.41 10.99
C ARG C 95 16.66 29.41 10.98
N ALA C 96 16.61 29.85 12.25
CA ALA C 96 17.83 30.15 12.97
C ALA C 96 18.64 28.88 13.23
N LEU C 97 17.97 27.77 13.55
CA LEU C 97 18.64 26.53 13.82
C LEU C 97 19.44 26.04 12.61
N VAL C 98 18.83 26.09 11.43
CA VAL C 98 19.53 25.65 10.23
C VAL C 98 20.61 26.64 9.84
N ASP C 99 20.36 27.93 9.99
CA ASP C 99 21.36 28.93 9.63
C ASP C 99 22.60 28.82 10.49
N ALA C 100 22.43 28.44 11.76
CA ALA C 100 23.55 28.41 12.69
C ALA C 100 24.39 27.15 12.50
N ALA C 101 23.75 26.02 12.20
CA ALA C 101 24.51 24.84 11.86
C ALA C 101 25.31 25.03 10.57
N VAL C 102 24.74 25.73 9.59
CA VAL C 102 25.50 26.07 8.41
C VAL C 102 26.56 27.11 8.70
N ALA C 103 26.39 27.92 9.74
CA ALA C 103 27.44 28.86 10.11
C ALA C 103 28.62 28.14 10.77
N LYS C 104 28.34 27.13 11.59
CA LYS C 104 29.39 26.48 12.36
C LYS C 104 30.04 25.30 11.65
N HIS C 105 29.25 24.45 10.99
CA HIS C 105 29.78 23.24 10.38
C HIS C 105 29.79 23.28 8.87
N GLY C 106 29.28 24.33 8.25
CA GLY C 106 29.42 24.53 6.81
C GLY C 106 28.35 23.93 5.93
N GLY C 107 27.35 23.28 6.50
CA GLY C 107 26.32 22.64 5.70
C GLY C 107 25.56 21.65 6.52
N VAL C 108 24.46 21.17 5.97
CA VAL C 108 23.61 20.19 6.65
C VAL C 108 23.43 18.99 5.74
N ASP C 109 23.96 17.85 6.16
CA ASP C 109 23.81 16.61 5.39
C ASP C 109 22.58 15.83 5.79
N ILE C 110 22.26 15.79 7.09
CA ILE C 110 21.14 15.00 7.58
C ILE C 110 20.20 15.86 8.41
N MET C 111 18.93 15.88 8.04
CA MET C 111 17.89 16.41 8.90
C MET C 111 17.04 15.25 9.40
N PHE C 112 17.05 15.02 10.71
CA PHE C 112 16.19 14.02 11.35
C PHE C 112 15.06 14.75 12.08
N SER C 113 13.92 14.87 11.42
CA SER C 113 12.75 15.54 11.99
C SER C 113 12.04 14.55 12.89
N ASN C 114 12.35 14.59 14.18
CA ASN C 114 11.86 13.64 15.16
C ASN C 114 10.93 14.24 16.20
N ALA C 115 10.77 15.56 16.24
CA ALA C 115 9.92 16.19 17.24
C ALA C 115 8.45 15.81 17.03
N GLY C 116 7.76 15.57 18.14
CA GLY C 116 6.34 15.24 18.09
C GLY C 116 5.84 14.83 19.45
N ILE C 117 4.52 14.76 19.57
CA ILE C 117 3.84 14.34 20.78
C ILE C 117 2.94 13.15 20.48
N VAL C 118 2.77 12.27 21.46
CA VAL C 118 2.15 10.98 21.23
C VAL C 118 0.76 10.93 21.83
N GLU C 119 -0.02 9.96 21.37
CA GLU C 119 -1.40 9.83 21.77
C GLU C 119 -1.85 8.41 21.53
N GLY C 120 -2.16 7.67 22.60
CA GLY C 120 -2.59 6.31 22.48
C GLY C 120 -4.00 6.21 21.95
N PRO C 121 -4.45 4.98 21.72
CA PRO C 121 -5.75 4.77 21.09
C PRO C 121 -6.86 5.44 21.88
N ASN C 122 -7.74 6.13 21.17
CA ASN C 122 -8.79 6.88 21.80
C ASN C 122 -10.03 6.81 20.92
N SER C 123 -10.99 7.65 21.23
CA SER C 123 -12.25 7.73 20.52
C SER C 123 -12.29 9.00 19.69
N ILE C 124 -13.06 8.99 18.61
CA ILE C 124 -13.33 10.22 17.87
C ILE C 124 -14.13 11.18 18.74
N PHE C 125 -14.79 10.66 19.78
N PHE C 125 -14.79 10.66 19.78
CA PHE C 125 -15.49 11.51 20.72
CA PHE C 125 -15.49 11.51 20.72
C PHE C 125 -14.52 12.25 21.61
C PHE C 125 -14.52 12.25 21.61
N ASP C 126 -13.32 11.70 21.84
CA ASP C 126 -12.32 12.33 22.66
C ASP C 126 -11.66 13.53 22.01
N VAL C 127 -11.85 13.73 20.71
CA VAL C 127 -11.04 14.68 19.97
C VAL C 127 -11.55 16.10 20.20
N ASP C 128 -10.69 16.94 20.76
CA ASP C 128 -10.97 18.35 20.97
C ASP C 128 -10.22 19.18 19.94
N LYS C 129 -10.92 20.11 19.30
CA LYS C 129 -10.32 20.86 18.20
C LYS C 129 -9.04 21.57 18.61
N ASP C 130 -9.02 22.18 19.79
CA ASP C 130 -7.82 22.87 20.23
C ASP C 130 -6.65 21.91 20.37
N GLU C 131 -6.90 20.73 20.91
N GLU C 131 -6.90 20.72 20.92
CA GLU C 131 -5.83 19.76 21.06
CA GLU C 131 -5.86 19.73 21.07
C GLU C 131 -5.44 19.14 19.73
C GLU C 131 -5.44 19.17 19.73
N LEU C 132 -6.39 18.97 18.82
CA LEU C 132 -6.05 18.49 17.49
C LEU C 132 -5.12 19.46 16.78
N GLU C 133 -5.43 20.76 16.83
CA GLU C 133 -4.60 21.75 16.17
C GLU C 133 -3.25 21.90 16.86
N ARG C 134 -3.19 21.66 18.17
CA ARG C 134 -1.91 21.70 18.85
C ARG C 134 -1.04 20.55 18.43
N LEU C 135 -1.63 19.36 18.25
CA LEU C 135 -0.87 18.20 17.82
C LEU C 135 -0.46 18.32 16.36
N MET C 136 -1.36 18.76 15.50
CA MET C 136 -1.01 19.00 14.09
C MET C 136 0.14 19.97 13.96
N GLY C 137 0.20 20.98 14.83
CA GLY C 137 1.24 21.99 14.74
C GLY C 137 2.61 21.46 15.08
N ILE C 138 2.68 20.55 16.05
CA ILE C 138 3.98 20.00 16.45
C ILE C 138 4.40 18.86 15.54
N ASN C 139 3.48 17.94 15.27
CA ASN C 139 3.85 16.76 14.51
C ASN C 139 4.03 17.08 13.04
N LEU C 140 3.03 17.71 12.44
CA LEU C 140 3.00 17.87 10.99
C LEU C 140 3.62 19.18 10.52
N VAL C 141 3.16 20.32 11.05
CA VAL C 141 3.70 21.60 10.63
C VAL C 141 5.16 21.74 11.03
N GLY C 142 5.57 21.15 12.15
CA GLY C 142 6.98 21.13 12.49
C GLY C 142 7.82 20.38 11.47
N ALA C 143 7.26 19.36 10.85
CA ALA C 143 7.99 18.60 9.84
C ALA C 143 8.14 19.38 8.55
N PHE C 144 7.09 20.10 8.14
CA PHE C 144 7.18 20.99 6.99
C PHE C 144 8.31 21.98 7.15
N LEU C 145 8.39 22.62 8.31
CA LEU C 145 9.39 23.67 8.51
C LEU C 145 10.79 23.08 8.57
N ALA C 146 10.94 21.96 9.27
CA ALA C 146 12.21 21.24 9.25
C ALA C 146 12.63 20.91 7.82
N ALA C 147 11.72 20.37 7.03
CA ALA C 147 12.02 20.03 5.64
C ALA C 147 12.34 21.28 4.83
N LYS C 148 11.48 22.30 4.93
CA LYS C 148 11.63 23.49 4.11
C LYS C 148 12.98 24.17 4.31
N HIS C 149 13.49 24.16 5.53
CA HIS C 149 14.73 24.86 5.81
C HIS C 149 15.96 23.99 5.60
N ALA C 150 15.85 22.67 5.80
CA ALA C 150 16.93 21.80 5.38
C ALA C 150 17.10 21.83 3.86
N ALA C 151 16.02 21.66 3.12
CA ALA C 151 16.07 21.76 1.66
C ALA C 151 16.72 23.06 1.20
N ARG C 152 16.45 24.15 1.93
CA ARG C 152 17.00 25.44 1.56
C ARG C 152 18.51 25.45 1.59
N VAL C 153 19.12 24.68 2.48
CA VAL C 153 20.57 24.61 2.52
C VAL C 153 21.14 23.43 1.74
N MET C 154 20.35 22.38 1.50
CA MET C 154 20.88 21.20 0.84
C MET C 154 20.84 21.32 -0.68
N VAL C 155 19.78 21.89 -1.23
CA VAL C 155 19.61 21.99 -2.69
C VAL C 155 20.82 22.64 -3.36
N PRO C 156 21.28 23.83 -2.94
CA PRO C 156 22.51 24.37 -3.53
C PRO C 156 23.76 23.53 -3.29
N ALA C 157 23.71 22.59 -2.35
CA ALA C 157 24.86 21.70 -2.16
C ALA C 157 24.73 20.42 -2.97
N LYS C 158 23.54 20.09 -3.43
CA LYS C 158 23.21 18.96 -4.27
C LYS C 158 23.44 17.64 -3.55
N LYS C 159 23.35 17.61 -2.23
CA LYS C 159 23.37 16.39 -1.47
C LYS C 159 22.56 16.59 -0.20
N GLY C 160 22.15 15.50 0.41
CA GLY C 160 21.56 15.53 1.73
C GLY C 160 20.51 14.45 1.89
N CYS C 161 20.13 14.21 3.15
CA CYS C 161 18.99 13.35 3.42
C CYS C 161 18.11 13.96 4.50
N ILE C 162 16.80 13.83 4.31
CA ILE C 162 15.81 14.17 5.31
C ILE C 162 15.14 12.88 5.77
N ILE C 163 15.12 12.64 7.07
CA ILE C 163 14.43 11.49 7.65
C ILE C 163 13.37 12.00 8.62
N PHE C 164 12.15 11.46 8.48
CA PHE C 164 11.08 11.75 9.42
C PHE C 164 10.78 10.52 10.28
N THR C 165 10.37 10.77 11.51
CA THR C 165 9.79 9.75 12.37
C THR C 165 8.28 9.75 12.17
N ALA C 166 7.77 8.72 11.53
CA ALA C 166 6.33 8.51 11.39
C ALA C 166 5.89 7.55 12.49
N SER C 167 5.11 6.50 12.21
CA SER C 167 4.75 5.54 13.24
C SER C 167 4.16 4.34 12.54
N ALA C 168 4.24 3.18 13.19
CA ALA C 168 3.61 1.99 12.64
C ALA C 168 2.12 2.19 12.40
N CYS C 169 1.52 3.20 13.03
CA CYS C 169 0.11 3.48 12.80
C CYS C 169 -0.16 3.90 11.37
N THR C 170 0.86 4.35 10.63
CA THR C 170 0.66 4.69 9.23
C THR C 170 0.41 3.47 8.36
N GLU C 171 0.53 2.27 8.92
CA GLU C 171 0.33 1.05 8.18
C GLU C 171 -0.80 0.18 8.73
N ILE C 172 -1.10 0.28 10.01
CA ILE C 172 -2.18 -0.50 10.61
C ILE C 172 -2.89 0.35 11.66
N ALA C 173 -4.20 0.19 11.75
CA ALA C 173 -4.98 0.87 12.76
C ALA C 173 -4.90 0.16 14.11
N GLY C 174 -5.42 0.83 15.14
CA GLY C 174 -5.55 0.25 16.45
C GLY C 174 -4.35 0.36 17.35
N ILE C 175 -3.41 1.25 17.08
CA ILE C 175 -2.28 1.38 17.99
C ILE C 175 -1.95 2.83 18.30
N ALA C 176 -2.82 3.75 17.89
CA ALA C 176 -2.54 5.17 18.13
C ALA C 176 -3.82 5.97 18.03
N GLY C 177 -3.80 7.14 18.65
CA GLY C 177 -4.97 7.99 18.65
C GLY C 177 -5.27 8.56 17.29
N HIS C 178 -6.52 8.97 17.11
CA HIS C 178 -6.98 9.47 15.83
C HIS C 178 -6.16 10.66 15.36
N SER C 179 -6.03 11.69 16.20
CA SER C 179 -5.27 12.86 15.82
C SER C 179 -3.83 12.49 15.49
N TYR C 180 -3.22 11.65 16.32
CA TYR C 180 -1.84 11.26 16.08
C TYR C 180 -1.70 10.51 14.76
N THR C 181 -2.66 9.64 14.44
CA THR C 181 -2.56 8.86 13.21
C THR C 181 -2.62 9.76 11.99
N ALA C 182 -3.56 10.70 11.98
CA ALA C 182 -3.70 11.61 10.85
C ALA C 182 -2.43 12.42 10.64
N SER C 183 -1.86 12.96 11.72
CA SER C 183 -0.63 13.71 11.58
C SER C 183 0.51 12.85 11.07
N LYS C 184 0.54 11.57 11.43
CA LYS C 184 1.62 10.72 10.97
C LYS C 184 1.44 10.27 9.53
N TYR C 185 0.19 10.15 9.07
CA TYR C 185 -0.04 9.93 7.65
C TYR C 185 0.42 11.15 6.84
N GLY C 186 0.05 12.34 7.29
CA GLY C 186 0.51 13.54 6.64
C GLY C 186 2.02 13.57 6.45
N ILE C 187 2.75 13.05 7.43
CA ILE C 187 4.20 13.05 7.31
C ILE C 187 4.65 12.12 6.19
N VAL C 188 4.00 10.96 6.05
CA VAL C 188 4.36 10.06 4.96
C VAL C 188 4.14 10.74 3.62
N GLY C 189 2.99 11.37 3.45
CA GLY C 189 2.72 12.10 2.22
C GLY C 189 3.70 13.21 1.96
N LEU C 190 4.01 14.00 2.98
CA LEU C 190 5.04 15.02 2.81
C LEU C 190 6.37 14.39 2.42
N MET C 191 6.71 13.26 3.02
CA MET C 191 7.99 12.62 2.72
C MET C 191 8.06 12.15 1.27
N LYS C 192 6.93 11.73 0.70
CA LYS C 192 6.96 11.19 -0.65
C LYS C 192 6.99 12.29 -1.70
N SER C 193 6.28 13.40 -1.43
CA SER C 193 6.41 14.56 -2.29
C SER C 193 7.82 15.11 -2.26
N LEU C 194 8.41 15.19 -1.08
CA LEU C 194 9.80 15.62 -0.98
C LEU C 194 10.72 14.72 -1.78
N ALA C 195 10.46 13.42 -1.76
CA ALA C 195 11.35 12.48 -2.43
C ALA C 195 11.39 12.73 -3.92
N VAL C 196 10.29 13.24 -4.47
CA VAL C 196 10.21 13.56 -5.89
C VAL C 196 10.89 14.90 -6.17
N GLU C 197 10.44 15.95 -5.48
CA GLU C 197 10.98 17.28 -5.70
C GLU C 197 12.48 17.30 -5.49
N LEU C 198 12.95 16.74 -4.40
CA LEU C 198 14.36 16.84 -4.05
C LEU C 198 15.24 15.80 -4.72
N GLY C 199 14.67 14.73 -5.26
CA GLY C 199 15.49 13.78 -5.97
C GLY C 199 16.22 14.41 -7.13
N SER C 200 15.59 15.40 -7.76
N SER C 200 15.59 15.41 -7.75
CA SER C 200 16.19 16.11 -8.87
CA SER C 200 16.19 16.13 -8.86
C SER C 200 17.47 16.83 -8.49
C SER C 200 17.47 16.82 -8.48
N HIS C 201 17.69 17.07 -7.20
CA HIS C 201 18.91 17.71 -6.71
C HIS C 201 19.81 16.77 -5.92
N GLY C 202 19.56 15.46 -5.97
CA GLY C 202 20.38 14.51 -5.26
C GLY C 202 19.97 14.23 -3.85
N ILE C 203 18.85 14.76 -3.38
CA ILE C 203 18.48 14.72 -1.98
C ILE C 203 17.47 13.62 -1.73
N ARG C 204 17.68 12.84 -0.68
CA ARG C 204 16.79 11.75 -0.32
C ARG C 204 15.89 12.13 0.85
N ALA C 205 14.67 11.60 0.81
CA ALA C 205 13.76 11.71 1.94
C ALA C 205 13.18 10.34 2.27
N ASN C 206 13.08 10.01 3.55
CA ASN C 206 12.51 8.75 3.99
C ASN C 206 11.91 8.91 5.38
N CYS C 207 11.09 7.94 5.75
CA CYS C 207 10.45 7.87 7.05
C CYS C 207 10.83 6.56 7.72
N VAL C 208 10.80 6.55 9.05
N VAL C 208 10.78 6.57 9.05
CA VAL C 208 10.93 5.34 9.82
CA VAL C 208 10.93 5.38 9.87
C VAL C 208 9.74 5.25 10.75
C VAL C 208 9.70 5.28 10.75
N SER C 209 9.01 4.13 10.71
CA SER C 209 7.77 3.93 11.45
C SER C 209 7.93 2.85 12.50
N PRO C 210 8.25 3.20 13.74
CA PRO C 210 8.43 2.18 14.78
C PRO C 210 7.12 1.78 15.44
N PHE C 211 7.19 0.65 16.16
CA PHE C 211 6.06 0.12 16.89
C PHE C 211 6.54 -0.46 18.22
N GLY C 212 6.12 0.14 19.31
CA GLY C 212 6.55 -0.31 20.62
C GLY C 212 7.57 0.56 21.30
N VAL C 213 7.98 1.65 20.67
CA VAL C 213 8.85 2.63 21.33
C VAL C 213 8.22 4.01 21.21
N SER C 224 6.42 1.62 35.80
CA SER C 224 5.63 0.65 35.05
C SER C 224 6.34 0.23 33.77
N LYS C 225 7.68 0.33 33.78
CA LYS C 225 8.47 -0.07 32.62
C LYS C 225 8.22 -1.54 32.25
N LEU C 226 8.09 -2.40 33.26
CA LEU C 226 7.87 -3.82 32.99
C LEU C 226 6.43 -4.11 32.59
N MET C 227 5.47 -3.41 33.20
CA MET C 227 4.06 -3.57 32.81
C MET C 227 3.89 -3.38 31.31
N PHE C 228 4.61 -2.43 30.73
CA PHE C 228 4.57 -2.21 29.29
C PHE C 228 5.40 -3.21 28.51
N GLU C 229 6.39 -3.85 29.15
CA GLU C 229 7.19 -4.84 28.45
C GLU C 229 6.45 -6.15 28.28
N GLY C 230 5.76 -6.62 29.32
CA GLY C 230 4.97 -7.82 29.20
C GLY C 230 3.82 -7.66 28.23
N ILE C 231 3.29 -6.44 28.10
CA ILE C 231 2.32 -6.15 27.06
C ILE C 231 2.91 -6.41 25.69
N MET C 232 4.08 -5.83 25.41
CA MET C 232 4.68 -5.99 24.10
C MET C 232 5.07 -7.44 23.83
N SER C 233 5.38 -8.19 24.88
CA SER C 233 5.66 -9.62 24.71
C SER C 233 4.42 -10.37 24.27
N LYS C 234 3.25 -9.94 24.75
CA LYS C 234 1.99 -10.55 24.32
C LYS C 234 1.55 -10.02 22.96
N VAL C 235 1.88 -8.78 22.64
CA VAL C 235 1.31 -8.13 21.47
C VAL C 235 2.15 -8.34 20.21
N GLY C 236 3.47 -8.42 20.34
CA GLY C 236 4.33 -8.46 19.17
C GLY C 236 4.13 -9.72 18.33
N ASN C 237 4.23 -9.54 17.02
CA ASN C 237 4.19 -10.66 16.09
C ASN C 237 5.48 -11.45 16.12
N LEU C 238 6.62 -10.77 16.15
CA LEU C 238 7.92 -11.40 16.24
C LEU C 238 8.31 -11.57 17.70
N LYS C 239 8.60 -12.80 18.11
CA LYS C 239 8.79 -13.16 19.49
C LYS C 239 10.26 -13.30 19.84
N GLY C 240 10.57 -13.17 21.13
CA GLY C 240 11.93 -13.25 21.58
C GLY C 240 12.75 -12.02 21.26
N LYS C 241 12.10 -10.86 21.15
CA LYS C 241 12.77 -9.63 20.78
C LYS C 241 11.88 -8.44 21.10
N ILE C 242 12.39 -7.53 21.94
CA ILE C 242 11.66 -6.34 22.38
C ILE C 242 12.25 -5.13 21.69
N LEU C 243 11.40 -4.30 21.09
CA LEU C 243 11.87 -3.11 20.41
C LEU C 243 12.31 -2.05 21.42
N THR C 244 13.51 -1.56 21.26
CA THR C 244 14.00 -0.45 22.06
C THR C 244 14.23 0.77 21.18
N ALA C 245 14.45 1.90 21.84
CA ALA C 245 14.79 3.11 21.10
C ALA C 245 16.09 2.92 20.35
N GLU C 246 17.03 2.18 20.94
N GLU C 246 17.03 2.18 20.95
CA GLU C 246 18.31 1.95 20.30
CA GLU C 246 18.32 1.95 20.31
C GLU C 246 18.16 1.22 18.98
C GLU C 246 18.16 1.22 18.98
N ASP C 247 17.19 0.32 18.89
CA ASP C 247 16.95 -0.37 17.62
C ASP C 247 16.51 0.59 16.54
N VAL C 248 15.62 1.53 16.87
CA VAL C 248 15.19 2.51 15.89
C VAL C 248 16.35 3.37 15.42
N ALA C 249 17.15 3.86 16.38
CA ALA C 249 18.31 4.65 16.03
C ALA C 249 19.18 3.96 14.98
N VAL C 250 19.28 2.63 15.07
CA VAL C 250 20.06 1.88 14.10
C VAL C 250 19.43 1.94 12.72
N THR C 251 18.10 1.91 12.65
CA THR C 251 17.43 2.01 11.36
C THR C 251 17.56 3.41 10.76
N VAL C 252 17.53 4.45 11.59
CA VAL C 252 17.79 5.78 11.08
C VAL C 252 19.22 5.89 10.59
N LEU C 253 20.15 5.23 11.26
CA LEU C 253 21.53 5.22 10.82
C LEU C 253 21.65 4.67 9.41
N TYR C 254 20.97 3.54 9.15
CA TYR C 254 20.94 2.99 7.80
C TYR C 254 20.43 4.01 6.79
N LEU C 255 19.23 4.54 7.00
CA LEU C 255 18.63 5.44 6.02
C LEU C 255 19.46 6.71 5.84
N ALA C 256 20.11 7.18 6.88
CA ALA C 256 20.91 8.40 6.79
C ALA C 256 22.23 8.19 6.06
N SER C 257 22.75 6.98 6.03
CA SER C 257 24.10 6.72 5.58
C SER C 257 24.13 6.49 4.07
N GLU C 258 25.34 6.29 3.55
N GLU C 258 25.34 6.30 3.55
CA GLU C 258 25.52 5.95 2.15
CA GLU C 258 25.52 5.97 2.15
C GLU C 258 25.29 4.48 1.86
C GLU C 258 25.31 4.48 1.87
N GLU C 259 24.85 3.71 2.85
CA GLU C 259 24.38 2.35 2.61
C GLU C 259 22.96 2.35 2.09
N ALA C 260 22.28 3.49 2.16
CA ALA C 260 20.98 3.70 1.56
C ALA C 260 21.04 4.77 0.49
N SER C 261 22.23 4.96 -0.10
CA SER C 261 22.46 6.05 -1.06
C SER C 261 21.48 6.05 -2.22
N TYR C 262 20.74 4.98 -2.44
CA TYR C 262 19.72 4.97 -3.49
C TYR C 262 18.34 4.71 -2.93
N VAL C 263 18.15 4.81 -1.62
CA VAL C 263 16.87 4.58 -0.97
C VAL C 263 16.22 5.93 -0.77
N SER C 264 15.01 6.09 -1.30
CA SER C 264 14.31 7.35 -1.17
C SER C 264 12.83 7.11 -1.41
N GLY C 265 12.01 7.84 -0.69
CA GLY C 265 10.58 7.68 -0.72
C GLY C 265 10.03 6.54 0.10
N VAL C 266 10.81 6.01 1.05
CA VAL C 266 10.45 4.77 1.73
C VAL C 266 10.01 5.07 3.16
N ASN C 267 8.84 4.56 3.53
CA ASN C 267 8.37 4.53 4.92
C ASN C 267 8.73 3.16 5.49
N LEU C 268 9.86 3.08 6.17
CA LEU C 268 10.41 1.81 6.63
C LEU C 268 9.85 1.46 8.01
N LEU C 269 9.07 0.39 8.07
CA LEU C 269 8.45 -0.07 9.31
C LEU C 269 9.43 -0.85 10.17
N VAL C 270 9.40 -0.58 11.46
CA VAL C 270 10.16 -1.38 12.41
C VAL C 270 9.18 -1.94 13.43
N ASP C 271 8.48 -3.01 13.06
CA ASP C 271 7.33 -3.44 13.84
C ASP C 271 7.26 -4.95 14.02
N GLY C 272 8.32 -5.69 13.69
CA GLY C 272 8.35 -7.12 13.86
C GLY C 272 7.24 -7.85 13.14
N GLY C 273 6.67 -7.19 12.16
CA GLY C 273 5.61 -7.74 11.36
C GLY C 273 4.23 -7.39 11.84
N TYR C 274 4.12 -6.66 12.95
CA TYR C 274 2.82 -6.41 13.56
C TYR C 274 1.80 -5.91 12.54
N THR C 275 2.22 -5.06 11.61
CA THR C 275 1.29 -4.43 10.70
C THR C 275 0.77 -5.36 9.61
N VAL C 276 1.40 -6.52 9.40
CA VAL C 276 1.01 -7.33 8.25
C VAL C 276 -0.05 -8.36 8.58
N VAL C 277 -0.45 -8.49 9.84
CA VAL C 277 -1.36 -9.55 10.27
C VAL C 277 -2.53 -9.00 11.08
N ASN C 278 -3.71 -9.50 10.79
CA ASN C 278 -4.86 -9.45 11.69
C ASN C 278 -5.09 -10.87 12.22
N PRO C 279 -4.64 -11.18 13.44
CA PRO C 279 -4.70 -12.57 13.92
C PRO C 279 -6.03 -12.99 14.49
N THR C 280 -7.06 -12.16 14.38
CA THR C 280 -8.35 -12.45 14.98
C THR C 280 -8.96 -13.74 14.42
N PHE C 281 -8.94 -13.89 13.11
CA PHE C 281 -9.55 -15.07 12.49
C PHE C 281 -8.90 -16.35 12.97
N ILE C 282 -7.57 -16.37 13.01
CA ILE C 282 -6.85 -17.55 13.44
C ILE C 282 -7.11 -17.83 14.92
N ASN C 283 -7.25 -16.78 15.71
CA ASN C 283 -7.52 -16.96 17.13
C ASN C 283 -8.89 -17.58 17.36
N VAL C 284 -9.88 -17.26 16.53
CA VAL C 284 -11.22 -17.77 16.73
C VAL C 284 -11.34 -19.22 16.23
N ILE C 285 -10.66 -19.56 15.15
CA ILE C 285 -10.66 -20.95 14.70
C ILE C 285 -9.97 -21.82 15.75
N THR C 286 -8.88 -21.31 16.34
CA THR C 286 -8.14 -22.09 17.32
C THR C 286 -8.89 -22.18 18.66
N ALA C 287 -9.56 -21.11 19.05
CA ALA C 287 -10.26 -21.10 20.33
C ALA C 287 -11.39 -22.13 20.35
N GLY C 288 -12.28 -22.06 19.36
CA GLY C 288 -13.35 -23.02 19.24
C GLY C 288 -12.93 -24.40 18.77
N GLN C 289 -11.67 -24.58 18.41
CA GLN C 289 -11.15 -25.87 17.99
C GLN C 289 -9.72 -26.09 18.49
N ARG D 29 -33.77 4.38 -7.46
CA ARG D 29 -33.58 5.14 -6.24
C ARG D 29 -32.93 4.28 -5.17
N ARG D 30 -31.63 4.45 -5.03
CA ARG D 30 -30.81 3.57 -4.22
C ARG D 30 -30.59 4.09 -2.81
N LEU D 31 -31.28 5.14 -2.39
CA LEU D 31 -31.11 5.64 -1.03
C LEU D 31 -32.43 6.20 -0.50
N GLU D 32 -33.54 5.58 -0.88
CA GLU D 32 -34.83 6.11 -0.49
C GLU D 32 -34.92 6.19 1.02
N GLY D 33 -35.31 7.35 1.53
CA GLY D 33 -35.40 7.56 2.96
C GLY D 33 -34.11 7.97 3.65
N LYS D 34 -32.96 7.77 3.03
CA LYS D 34 -31.71 8.11 3.68
C LYS D 34 -31.53 9.61 3.82
N VAL D 35 -30.71 10.01 4.78
CA VAL D 35 -30.43 11.41 5.08
C VAL D 35 -28.94 11.64 4.91
N ALA D 36 -28.58 12.63 4.09
CA ALA D 36 -27.20 12.89 3.73
C ALA D 36 -26.81 14.34 3.99
N ILE D 37 -25.63 14.53 4.56
CA ILE D 37 -25.02 15.85 4.70
C ILE D 37 -23.84 15.91 3.74
N VAL D 38 -23.76 16.98 2.97
CA VAL D 38 -22.69 17.15 2.01
C VAL D 38 -22.01 18.48 2.30
N THR D 39 -20.84 18.43 2.93
CA THR D 39 -20.09 19.64 3.18
C THR D 39 -19.26 20.00 1.96
N GLY D 40 -19.27 21.27 1.60
CA GLY D 40 -18.61 21.68 0.38
C GLY D 40 -19.36 21.23 -0.84
N GLY D 41 -20.69 21.28 -0.80
CA GLY D 41 -21.50 20.71 -1.84
C GLY D 41 -22.22 21.70 -2.74
N ALA D 42 -21.78 22.94 -2.76
CA ALA D 42 -22.41 23.92 -3.65
C ALA D 42 -21.70 24.03 -4.98
N SER D 43 -20.51 23.48 -5.12
CA SER D 43 -19.81 23.45 -6.39
C SER D 43 -19.10 22.10 -6.54
N GLY D 44 -18.64 21.83 -7.75
CA GLY D 44 -17.68 20.76 -7.96
C GLY D 44 -18.22 19.38 -7.68
N ILE D 45 -17.37 18.53 -7.12
CA ILE D 45 -17.76 17.17 -6.78
C ILE D 45 -18.94 17.17 -5.83
N GLY D 46 -18.93 18.07 -4.85
CA GLY D 46 -20.01 18.11 -3.89
C GLY D 46 -21.35 18.40 -4.51
N ALA D 47 -21.38 19.29 -5.52
CA ALA D 47 -22.64 19.68 -6.13
C ALA D 47 -23.22 18.58 -6.99
N SER D 48 -22.37 17.79 -7.64
CA SER D 48 -22.89 16.71 -8.45
C SER D 48 -23.32 15.54 -7.59
N THR D 49 -22.66 15.33 -6.46
CA THR D 49 -23.13 14.33 -5.51
C THR D 49 -24.48 14.71 -4.93
N VAL D 50 -24.68 15.99 -4.64
CA VAL D 50 -25.97 16.46 -4.16
C VAL D 50 -27.08 16.16 -5.17
N ARG D 51 -26.84 16.52 -6.43
CA ARG D 51 -27.81 16.23 -7.48
C ARG D 51 -28.07 14.75 -7.61
N LEU D 52 -27.02 13.95 -7.56
CA LEU D 52 -27.16 12.50 -7.70
C LEU D 52 -27.89 11.91 -6.50
N PHE D 53 -27.38 12.18 -5.31
CA PHE D 53 -28.05 11.85 -4.06
C PHE D 53 -29.53 12.18 -4.12
N HIS D 54 -29.88 13.25 -4.82
CA HIS D 54 -31.27 13.67 -4.91
C HIS D 54 -32.06 12.83 -5.89
N ASP D 55 -31.50 12.56 -7.07
CA ASP D 55 -32.16 11.71 -8.05
C ASP D 55 -32.47 10.34 -7.50
N HIS D 56 -31.62 9.82 -6.63
CA HIS D 56 -31.82 8.50 -6.03
C HIS D 56 -32.60 8.54 -4.71
N GLY D 57 -33.25 9.65 -4.39
CA GLY D 57 -34.22 9.68 -3.32
C GLY D 57 -33.74 10.03 -1.94
N ALA D 58 -32.51 10.53 -1.80
CA ALA D 58 -32.04 10.91 -0.48
C ALA D 58 -32.56 12.29 -0.08
N LYS D 59 -32.69 12.50 1.22
CA LYS D 59 -32.76 13.83 1.79
C LYS D 59 -31.33 14.32 2.00
N VAL D 60 -31.04 15.54 1.55
CA VAL D 60 -29.68 16.06 1.54
C VAL D 60 -29.68 17.45 2.14
N VAL D 61 -28.72 17.69 3.03
CA VAL D 61 -28.44 19.02 3.57
C VAL D 61 -27.13 19.47 2.97
N ILE D 62 -27.14 20.63 2.30
CA ILE D 62 -25.94 21.21 1.73
C ILE D 62 -25.30 22.12 2.76
N ALA D 63 -24.01 21.94 3.00
CA ALA D 63 -23.26 22.74 3.96
C ALA D 63 -22.08 23.39 3.26
N ASP D 64 -22.10 24.72 3.16
CA ASP D 64 -21.04 25.40 2.42
C ASP D 64 -20.94 26.86 2.88
N ILE D 65 -19.82 27.48 2.52
CA ILE D 65 -19.63 28.92 2.69
C ILE D 65 -20.00 29.70 1.43
N GLN D 66 -20.18 29.03 0.32
CA GLN D 66 -20.68 29.66 -0.91
C GLN D 66 -22.19 29.78 -0.79
N ASP D 67 -22.64 30.83 -0.12
CA ASP D 67 -24.05 30.94 0.26
C ASP D 67 -24.94 31.16 -0.95
N ASP D 68 -24.39 31.73 -2.02
CA ASP D 68 -25.20 32.06 -3.19
C ASP D 68 -25.44 30.83 -4.06
N LEU D 69 -24.37 30.09 -4.37
CA LEU D 69 -24.53 28.82 -5.08
C LEU D 69 -25.31 27.83 -4.24
N GLY D 70 -24.94 27.70 -2.97
CA GLY D 70 -25.58 26.70 -2.11
C GLY D 70 -27.08 26.87 -2.03
N GLN D 71 -27.54 28.10 -1.88
CA GLN D 71 -28.98 28.29 -1.72
C GLN D 71 -29.72 28.16 -3.04
N THR D 72 -29.11 28.63 -4.13
CA THR D 72 -29.71 28.47 -5.45
C THR D 72 -29.85 27.00 -5.82
N LEU D 73 -28.83 26.21 -5.55
CA LEU D 73 -28.88 24.78 -5.85
C LEU D 73 -29.94 24.10 -5.01
N ALA D 74 -30.00 24.42 -3.73
CA ALA D 74 -30.99 23.81 -2.85
C ALA D 74 -32.39 24.20 -3.26
N ASP D 75 -32.57 25.40 -3.81
CA ASP D 75 -33.91 25.81 -4.22
C ASP D 75 -34.34 25.16 -5.52
N ARG D 76 -33.40 24.90 -6.42
CA ARG D 76 -33.75 24.29 -7.70
C ARG D 76 -34.16 22.83 -7.55
N LEU D 77 -33.63 22.15 -6.54
CA LEU D 77 -33.77 20.70 -6.44
C LEU D 77 -35.02 20.23 -5.72
N GLY D 78 -35.60 21.04 -4.85
CA GLY D 78 -36.86 20.68 -4.25
C GLY D 78 -36.80 20.67 -2.74
N ARG D 79 -37.85 20.10 -2.14
N ARG D 79 -37.84 20.09 -2.14
CA ARG D 79 -38.05 20.21 -0.70
CA ARG D 79 -38.03 20.24 -0.70
C ARG D 79 -37.06 19.37 0.09
C ARG D 79 -37.09 19.36 0.10
N ASN D 80 -36.63 18.23 -0.44
CA ASN D 80 -35.74 17.35 0.32
C ASN D 80 -34.31 17.83 0.30
N ILE D 81 -34.02 18.98 -0.28
CA ILE D 81 -32.68 19.48 -0.40
C ILE D 81 -32.67 20.89 0.13
N SER D 82 -32.01 21.08 1.26
N SER D 82 -32.01 21.08 1.26
CA SER D 82 -31.95 22.37 1.92
CA SER D 82 -31.95 22.37 1.92
C SER D 82 -30.50 22.74 2.19
C SER D 82 -30.50 22.74 2.19
N TYR D 83 -30.24 24.04 2.28
CA TYR D 83 -28.90 24.57 2.44
C TYR D 83 -28.74 25.13 3.84
N THR D 84 -27.55 24.95 4.39
CA THR D 84 -27.20 25.49 5.69
C THR D 84 -25.77 25.99 5.64
N HIS D 85 -25.57 27.25 5.97
CA HIS D 85 -24.23 27.84 5.98
C HIS D 85 -23.40 27.20 7.08
N CYS D 86 -22.28 26.59 6.71
CA CYS D 86 -21.41 26.00 7.71
C CYS D 86 -19.96 26.18 7.30
N ASP D 87 -19.21 26.90 8.11
CA ASP D 87 -17.75 26.87 8.00
C ASP D 87 -17.25 25.67 8.78
N VAL D 88 -16.57 24.74 8.11
CA VAL D 88 -16.21 23.48 8.73
C VAL D 88 -14.92 23.62 9.53
N THR D 89 -14.41 24.83 9.65
CA THR D 89 -13.36 25.07 10.62
C THR D 89 -13.91 25.44 11.98
N ASP D 90 -15.21 25.69 12.08
CA ASP D 90 -15.86 26.18 13.29
C ASP D 90 -16.72 25.05 13.86
N GLU D 91 -16.33 24.51 15.01
CA GLU D 91 -17.05 23.36 15.55
C GLU D 91 -18.47 23.71 15.97
N ASP D 92 -18.73 24.96 16.36
CA ASP D 92 -20.09 25.33 16.73
C ASP D 92 -21.03 25.20 15.54
N GLN D 93 -20.59 25.65 14.36
CA GLN D 93 -21.41 25.56 13.16
C GLN D 93 -21.59 24.11 12.72
N VAL D 94 -20.54 23.30 12.84
CA VAL D 94 -20.65 21.89 12.46
C VAL D 94 -21.65 21.19 13.36
N ARG D 95 -21.54 21.42 14.67
N ARG D 95 -21.53 21.42 14.67
CA ARG D 95 -22.47 20.81 15.61
CA ARG D 95 -22.46 20.83 15.63
C ARG D 95 -23.89 21.28 15.35
C ARG D 95 -23.88 21.28 15.36
N ALA D 96 -24.06 22.55 15.00
CA ALA D 96 -25.40 23.04 14.67
C ALA D 96 -25.93 22.38 13.41
N LEU D 97 -25.06 22.18 12.42
CA LEU D 97 -25.48 21.55 11.17
C LEU D 97 -26.00 20.14 11.40
N VAL D 98 -25.27 19.34 12.19
CA VAL D 98 -25.72 17.97 12.46
C VAL D 98 -26.94 17.97 13.35
N ASP D 99 -27.00 18.85 14.34
CA ASP D 99 -28.15 18.88 15.23
C ASP D 99 -29.42 19.25 14.50
N ALA D 100 -29.32 20.10 13.48
CA ALA D 100 -30.50 20.59 12.79
C ALA D 100 -31.02 19.56 11.78
N ALA D 101 -30.12 18.84 11.13
CA ALA D 101 -30.55 17.74 10.28
C ALA D 101 -31.21 16.63 11.10
N VAL D 102 -30.71 16.38 12.30
CA VAL D 102 -31.36 15.41 13.17
C VAL D 102 -32.67 15.96 13.71
N ALA D 103 -32.78 17.28 13.86
CA ALA D 103 -34.07 17.85 14.27
C ALA D 103 -35.10 17.76 13.16
N LYS D 104 -34.64 17.85 11.91
CA LYS D 104 -35.51 18.00 10.75
C LYS D 104 -35.84 16.68 10.06
N HIS D 105 -34.89 15.75 9.95
CA HIS D 105 -35.12 14.50 9.26
C HIS D 105 -34.97 13.28 10.15
N GLY D 106 -34.64 13.45 11.43
CA GLY D 106 -34.65 12.37 12.39
C GLY D 106 -33.37 11.58 12.55
N GLY D 107 -32.32 11.91 11.81
CA GLY D 107 -31.09 11.15 11.89
C GLY D 107 -30.23 11.45 10.69
N VAL D 108 -28.99 10.98 10.75
CA VAL D 108 -28.04 11.18 9.66
C VAL D 108 -27.49 9.83 9.24
N ASP D 109 -27.80 9.43 8.01
CA ASP D 109 -27.29 8.16 7.48
C ASP D 109 -25.97 8.33 6.76
N ILE D 110 -25.79 9.42 6.02
CA ILE D 110 -24.58 9.64 5.22
C ILE D 110 -23.97 10.99 5.54
N MET D 111 -22.70 10.99 5.92
CA MET D 111 -21.92 12.20 5.97
C MET D 111 -20.90 12.16 4.84
N PHE D 112 -21.00 13.08 3.89
CA PHE D 112 -20.02 13.25 2.82
C PHE D 112 -19.18 14.48 3.11
N SER D 113 -18.03 14.28 3.73
CA SER D 113 -17.11 15.37 4.06
C SER D 113 -16.30 15.71 2.82
N ASN D 114 -16.77 16.70 2.07
CA ASN D 114 -16.18 17.07 0.79
C ASN D 114 -15.54 18.45 0.79
N ALA D 115 -15.67 19.23 1.85
CA ALA D 115 -15.10 20.58 1.86
C ALA D 115 -13.58 20.53 1.85
N GLY D 116 -12.99 21.45 1.10
CA GLY D 116 -11.54 21.54 1.02
C GLY D 116 -11.12 22.53 -0.04
N ILE D 117 -9.82 22.86 -0.01
CA ILE D 117 -9.21 23.75 -0.99
C ILE D 117 -8.02 23.05 -1.63
N VAL D 118 -7.75 23.41 -2.89
CA VAL D 118 -6.84 22.64 -3.72
C VAL D 118 -5.53 23.38 -3.92
N GLU D 119 -4.50 22.60 -4.27
CA GLU D 119 -3.16 23.11 -4.50
C GLU D 119 -2.49 22.27 -5.58
N GLY D 120 -2.18 22.87 -6.72
CA GLY D 120 -1.43 22.19 -7.74
C GLY D 120 0.01 22.00 -7.34
N PRO D 121 0.77 21.24 -8.14
CA PRO D 121 2.14 20.91 -7.75
C PRO D 121 2.97 22.16 -7.55
N ASN D 122 3.74 22.15 -6.48
CA ASN D 122 4.54 23.30 -6.12
C ASN D 122 5.85 22.83 -5.51
N SER D 123 6.55 23.76 -4.90
CA SER D 123 7.84 23.51 -4.28
C SER D 123 7.68 23.57 -2.77
N ILE D 124 8.56 22.86 -2.06
CA ILE D 124 8.64 23.00 -0.61
C ILE D 124 9.10 24.40 -0.25
N PHE D 125 9.73 25.10 -1.20
N PHE D 125 9.73 25.10 -1.20
CA PHE D 125 10.12 26.48 -0.98
CA PHE D 125 10.12 26.48 -0.98
C PHE D 125 8.90 27.39 -1.01
C PHE D 125 8.90 27.39 -1.01
N ASP D 126 7.85 27.00 -1.72
CA ASP D 126 6.64 27.79 -1.81
C ASP D 126 5.80 27.76 -0.55
N VAL D 127 6.10 26.88 0.40
CA VAL D 127 5.19 26.62 1.51
C VAL D 127 5.33 27.70 2.57
N ASP D 128 4.23 28.41 2.82
CA ASP D 128 4.16 29.43 3.86
C ASP D 128 3.38 28.88 5.03
N LYS D 129 3.92 29.04 6.24
CA LYS D 129 3.32 28.43 7.41
C LYS D 129 1.87 28.87 7.61
N ASP D 130 1.58 30.15 7.42
CA ASP D 130 0.21 30.61 7.59
C ASP D 130 -0.72 29.94 6.60
N GLU D 131 -0.27 29.77 5.35
N GLU D 131 -0.27 29.79 5.35
CA GLU D 131 -1.12 29.14 4.36
CA GLU D 131 -1.08 29.13 4.34
C GLU D 131 -1.21 27.64 4.59
C GLU D 131 -1.21 27.64 4.60
N LEU D 132 -0.14 27.02 5.08
CA LEU D 132 -0.20 25.61 5.43
C LEU D 132 -1.24 25.36 6.52
N GLU D 133 -1.24 26.18 7.57
CA GLU D 133 -2.19 26.01 8.65
C GLU D 133 -3.61 26.34 8.21
N ARG D 134 -3.76 27.25 7.27
CA ARG D 134 -5.08 27.54 6.74
C ARG D 134 -5.63 26.37 5.96
N LEU D 135 -4.77 25.70 5.19
CA LEU D 135 -5.20 24.56 4.40
C LEU D 135 -5.45 23.35 5.30
N MET D 136 -4.58 23.10 6.26
CA MET D 136 -4.80 22.02 7.23
C MET D 136 -6.12 22.19 7.96
N GLY D 137 -6.50 23.44 8.25
CA GLY D 137 -7.71 23.68 9.00
C GLY D 137 -8.97 23.36 8.22
N ILE D 138 -8.95 23.62 6.91
CA ILE D 138 -10.13 23.36 6.09
C ILE D 138 -10.18 21.90 5.66
N ASN D 139 -9.06 21.39 5.17
CA ASN D 139 -9.06 20.05 4.62
C ASN D 139 -9.13 19.00 5.71
N LEU D 140 -8.24 19.08 6.69
CA LEU D 140 -8.07 18.01 7.66
C LEU D 140 -8.90 18.21 8.92
N VAL D 141 -8.78 19.37 9.57
CA VAL D 141 -9.53 19.61 10.80
C VAL D 141 -11.04 19.68 10.50
N GLY D 142 -11.43 20.17 9.33
CA GLY D 142 -12.83 20.12 8.95
C GLY D 142 -13.36 18.70 8.84
N ALA D 143 -12.51 17.76 8.44
CA ALA D 143 -12.93 16.37 8.33
C ALA D 143 -13.10 15.72 9.70
N PHE D 144 -12.19 16.03 10.64
CA PHE D 144 -12.36 15.56 12.01
C PHE D 144 -13.69 15.99 12.58
N LEU D 145 -14.05 17.25 12.42
CA LEU D 145 -15.26 17.77 13.03
C LEU D 145 -16.49 17.18 12.36
N ALA D 146 -16.48 17.09 11.04
CA ALA D 146 -17.54 16.40 10.32
C ALA D 146 -17.71 14.98 10.83
N ALA D 147 -16.60 14.25 10.96
CA ALA D 147 -16.66 12.88 11.46
C ALA D 147 -17.16 12.84 12.90
N LYS D 148 -16.57 13.67 13.76
CA LYS D 148 -16.88 13.62 15.19
C LYS D 148 -18.35 13.86 15.45
N HIS D 149 -19.00 14.72 14.67
CA HIS D 149 -20.39 15.04 14.93
C HIS D 149 -21.36 14.13 14.21
N ALA D 150 -20.99 13.59 13.06
CA ALA D 150 -21.78 12.52 12.46
C ALA D 150 -21.78 11.29 13.36
N ALA D 151 -20.60 10.84 13.78
CA ALA D 151 -20.51 9.71 14.69
C ALA D 151 -21.38 9.91 15.94
N ARG D 152 -21.45 11.15 16.42
CA ARG D 152 -22.22 11.44 17.62
C ARG D 152 -23.69 11.13 17.42
N VAL D 153 -24.21 11.28 16.21
CA VAL D 153 -25.60 10.97 15.97
C VAL D 153 -25.80 9.56 15.41
N MET D 154 -24.77 8.97 14.79
CA MET D 154 -24.95 7.67 14.16
C MET D 154 -24.77 6.52 15.15
N VAL D 155 -23.81 6.61 16.05
CA VAL D 155 -23.49 5.54 16.99
C VAL D 155 -24.73 5.08 17.76
N PRO D 156 -25.51 5.97 18.41
CA PRO D 156 -26.76 5.51 19.03
C PRO D 156 -27.81 4.97 18.08
N ALA D 157 -27.71 5.26 16.79
CA ALA D 157 -28.63 4.67 15.83
C ALA D 157 -28.15 3.34 15.29
N LYS D 158 -26.86 3.07 15.42
N LYS D 158 -26.87 3.06 15.45
CA LYS D 158 -26.20 1.82 15.06
CA LYS D 158 -26.17 1.84 15.07
C LYS D 158 -26.14 1.63 13.55
C LYS D 158 -26.12 1.64 13.57
N LYS D 159 -26.19 2.70 12.78
CA LYS D 159 -26.02 2.64 11.35
C LYS D 159 -25.43 3.95 10.87
N GLY D 160 -24.81 3.92 9.71
CA GLY D 160 -24.44 5.13 9.02
C GLY D 160 -23.23 4.93 8.14
N CYS D 161 -22.98 5.92 7.29
CA CYS D 161 -21.83 5.95 6.42
C CYS D 161 -21.15 7.31 6.47
N ILE D 162 -19.82 7.31 6.65
CA ILE D 162 -19.03 8.52 6.48
C ILE D 162 -18.14 8.34 5.26
N ILE D 163 -18.19 9.28 4.32
CA ILE D 163 -17.33 9.26 3.14
C ILE D 163 -16.52 10.56 3.11
N PHE D 164 -15.22 10.42 2.89
CA PHE D 164 -14.35 11.57 2.70
C PHE D 164 -13.88 11.66 1.25
N THR D 165 -13.68 12.89 0.78
CA THR D 165 -13.00 13.14 -0.47
C THR D 165 -11.51 13.32 -0.19
N ALA D 166 -10.70 12.36 -0.58
CA ALA D 166 -9.26 12.45 -0.51
C ALA D 166 -8.74 12.91 -1.86
N SER D 167 -7.72 12.29 -2.46
CA SER D 167 -7.28 12.66 -3.79
C SER D 167 -6.35 11.57 -4.28
N ALA D 168 -6.26 11.44 -5.60
CA ALA D 168 -5.31 10.50 -6.17
C ALA D 168 -3.89 10.74 -5.69
N CYS D 169 -3.60 11.93 -5.17
CA CYS D 169 -2.28 12.21 -4.65
C CYS D 169 -1.94 11.35 -3.45
N THR D 170 -2.94 10.78 -2.78
CA THR D 170 -2.67 9.88 -1.67
C THR D 170 -2.05 8.57 -2.12
N GLU D 171 -1.96 8.33 -3.42
CA GLU D 171 -1.40 7.11 -3.95
C GLU D 171 -0.19 7.33 -4.84
N ILE D 172 -0.06 8.48 -5.47
CA ILE D 172 1.09 8.78 -6.32
C ILE D 172 1.45 10.24 -6.17
N ALA D 173 2.75 10.53 -6.20
CA ALA D 173 3.24 11.88 -6.14
C ALA D 173 3.16 12.56 -7.51
N GLY D 174 3.40 13.87 -7.49
CA GLY D 174 3.50 14.64 -8.71
C GLY D 174 2.20 15.16 -9.29
N ILE D 175 1.12 15.21 -8.52
CA ILE D 175 -0.10 15.77 -9.07
C ILE D 175 -0.78 16.75 -8.13
N ALA D 176 -0.10 17.13 -7.05
CA ALA D 176 -0.71 18.02 -6.08
C ALA D 176 0.37 18.68 -5.23
N GLY D 177 0.01 19.81 -4.65
CA GLY D 177 0.94 20.54 -3.83
C GLY D 177 1.27 19.83 -2.54
N HIS D 178 2.42 20.18 -1.96
CA HIS D 178 2.90 19.53 -0.76
C HIS D 178 1.90 19.62 0.38
N SER D 179 1.44 20.83 0.70
CA SER D 179 0.48 20.99 1.78
C SER D 179 -0.78 20.20 1.50
N TYR D 180 -1.28 20.27 0.28
CA TYR D 180 -2.50 19.55 -0.07
C TYR D 180 -2.32 18.05 0.08
N THR D 181 -1.16 17.53 -0.32
CA THR D 181 -0.94 16.09 -0.25
C THR D 181 -0.94 15.61 1.20
N ALA D 182 -0.24 16.33 2.07
CA ALA D 182 -0.18 15.96 3.48
C ALA D 182 -1.57 15.94 4.10
N SER D 183 -2.35 16.99 3.85
CA SER D 183 -3.70 17.01 4.39
C SER D 183 -4.55 15.87 3.86
N LYS D 184 -4.34 15.46 2.61
CA LYS D 184 -5.14 14.37 2.07
C LYS D 184 -4.70 13.01 2.56
N TYR D 185 -3.40 12.85 2.88
CA TYR D 185 -2.98 11.63 3.56
C TYR D 185 -3.60 11.55 4.95
N GLY D 186 -3.56 12.65 5.69
CA GLY D 186 -4.20 12.68 6.99
C GLY D 186 -5.64 12.21 6.94
N ILE D 187 -6.35 12.55 5.87
CA ILE D 187 -7.74 12.13 5.77
C ILE D 187 -7.82 10.61 5.63
N VAL D 188 -6.93 10.01 4.84
CA VAL D 188 -6.93 8.56 4.71
C VAL D 188 -6.74 7.91 6.07
N GLY D 189 -5.73 8.36 6.82
CA GLY D 189 -5.49 7.84 8.14
C GLY D 189 -6.67 8.02 9.08
N LEU D 190 -7.25 9.20 9.09
CA LEU D 190 -8.46 9.40 9.88
C LEU D 190 -9.56 8.45 9.44
N MET D 191 -9.71 8.21 8.15
CA MET D 191 -10.76 7.33 7.65
C MET D 191 -10.56 5.90 8.09
N LYS D 192 -9.31 5.44 8.18
CA LYS D 192 -9.07 4.05 8.52
C LYS D 192 -9.23 3.82 10.01
N SER D 193 -8.84 4.81 10.82
N SER D 193 -8.84 4.81 10.82
CA SER D 193 -9.11 4.72 12.25
CA SER D 193 -9.13 4.74 12.25
C SER D 193 -10.61 4.78 12.52
C SER D 193 -10.62 4.78 12.51
N LEU D 194 -11.35 5.64 11.81
CA LEU D 194 -12.79 5.65 11.96
C LEU D 194 -13.39 4.29 11.60
N ALA D 195 -12.84 3.64 10.60
CA ALA D 195 -13.40 2.37 10.14
C ALA D 195 -13.33 1.31 11.22
N VAL D 196 -12.30 1.39 12.07
CA VAL D 196 -12.14 0.45 13.16
C VAL D 196 -13.04 0.81 14.32
N GLU D 197 -12.92 2.03 14.82
CA GLU D 197 -13.72 2.45 15.97
C GLU D 197 -15.20 2.30 15.68
N LEU D 198 -15.66 2.78 14.54
CA LEU D 198 -17.09 2.80 14.26
C LEU D 198 -17.61 1.48 13.72
N GLY D 199 -16.73 0.58 13.27
CA GLY D 199 -17.21 -0.71 12.83
C GLY D 199 -17.97 -1.43 13.92
N SER D 200 -17.55 -1.25 15.17
CA SER D 200 -18.19 -1.88 16.30
C SER D 200 -19.64 -1.48 16.45
N HIS D 201 -20.05 -0.35 15.86
CA HIS D 201 -21.42 0.14 15.95
C HIS D 201 -22.16 0.07 14.62
N GLY D 202 -21.64 -0.66 13.64
CA GLY D 202 -22.28 -0.80 12.36
C GLY D 202 -21.97 0.27 11.36
N ILE D 203 -21.07 1.18 11.66
CA ILE D 203 -20.85 2.38 10.86
C ILE D 203 -19.66 2.20 9.94
N ARG D 204 -19.81 2.57 8.68
CA ARG D 204 -18.75 2.47 7.70
C ARG D 204 -18.10 3.81 7.42
N ALA D 205 -16.80 3.78 7.15
CA ALA D 205 -16.06 4.94 6.70
C ALA D 205 -15.23 4.58 5.48
N ASN D 206 -15.21 5.46 4.48
CA ASN D 206 -14.43 5.25 3.27
C ASN D 206 -14.04 6.60 2.67
N CYS D 207 -13.07 6.56 1.77
CA CYS D 207 -12.58 7.71 1.03
C CYS D 207 -12.75 7.45 -0.46
N VAL D 208 -12.87 8.51 -1.23
CA VAL D 208 -12.81 8.42 -2.68
C VAL D 208 -11.75 9.41 -3.15
N SER D 209 -10.80 8.92 -3.94
CA SER D 209 -9.64 9.70 -4.38
C SER D 209 -9.67 9.91 -5.89
N PRO D 210 -10.22 11.02 -6.37
CA PRO D 210 -10.29 11.25 -7.82
C PRO D 210 -9.00 11.84 -8.36
N PHE D 211 -8.90 11.83 -9.68
CA PHE D 211 -7.73 12.35 -10.39
C PHE D 211 -8.16 13.12 -11.63
N GLY D 212 -7.84 14.39 -11.67
CA GLY D 212 -8.10 15.18 -12.87
C GLY D 212 -9.56 15.49 -13.08
N VAL D 213 -10.26 15.88 -12.02
CA VAL D 213 -11.69 16.13 -12.08
C VAL D 213 -12.01 17.41 -12.87
N LYS D 225 -11.36 25.02 -19.23
CA LYS D 225 -12.15 23.87 -19.69
C LYS D 225 -11.46 23.14 -20.83
N LEU D 226 -11.44 23.77 -22.01
CA LEU D 226 -10.85 23.13 -23.18
C LEU D 226 -9.35 22.95 -23.02
N MET D 227 -8.66 23.96 -22.46
CA MET D 227 -7.23 23.82 -22.20
C MET D 227 -6.94 22.67 -21.24
N PHE D 228 -7.93 22.27 -20.44
CA PHE D 228 -7.74 21.21 -19.47
C PHE D 228 -8.11 19.83 -19.99
N GLU D 229 -8.91 19.74 -21.04
CA GLU D 229 -9.23 18.42 -21.60
C GLU D 229 -8.04 17.84 -22.32
N GLY D 230 -7.39 18.64 -23.17
CA GLY D 230 -6.30 18.13 -23.97
C GLY D 230 -5.13 17.62 -23.16
N ILE D 231 -4.87 18.26 -22.02
CA ILE D 231 -3.81 17.78 -21.15
C ILE D 231 -4.22 16.46 -20.51
N MET D 232 -5.45 16.37 -20.01
CA MET D 232 -5.90 15.11 -19.42
C MET D 232 -5.94 14.00 -20.46
N SER D 233 -6.18 14.33 -21.72
CA SER D 233 -6.11 13.34 -22.78
C SER D 233 -4.68 12.86 -22.98
N LYS D 234 -3.71 13.75 -22.78
CA LYS D 234 -2.31 13.36 -22.87
C LYS D 234 -1.84 12.66 -21.60
N VAL D 235 -2.40 13.01 -20.46
CA VAL D 235 -1.85 12.55 -19.18
C VAL D 235 -2.47 11.24 -18.71
N GLY D 236 -3.75 11.01 -19.01
CA GLY D 236 -4.43 9.85 -18.46
C GLY D 236 -3.87 8.53 -18.95
N ASN D 237 -3.85 7.54 -18.06
CA ASN D 237 -3.44 6.20 -18.43
C ASN D 237 -4.53 5.49 -19.23
N LEU D 238 -5.78 5.64 -18.83
CA LEU D 238 -6.91 5.08 -19.55
C LEU D 238 -7.41 6.07 -20.57
N LYS D 239 -7.48 5.66 -21.83
CA LYS D 239 -7.74 6.54 -22.96
C LYS D 239 -9.18 6.41 -23.44
N GLY D 240 -9.64 7.46 -24.11
CA GLY D 240 -11.01 7.46 -24.59
C GLY D 240 -12.03 7.70 -23.52
N LYS D 241 -11.65 8.39 -22.45
CA LYS D 241 -12.53 8.62 -21.31
C LYS D 241 -11.99 9.73 -20.45
N ILE D 242 -12.76 10.80 -20.26
CA ILE D 242 -12.38 11.97 -19.48
C ILE D 242 -13.14 11.94 -18.17
N LEU D 243 -12.43 12.10 -17.05
CA LEU D 243 -13.07 12.10 -15.75
C LEU D 243 -13.82 13.40 -15.53
N THR D 244 -15.09 13.29 -15.19
CA THR D 244 -15.91 14.43 -14.82
C THR D 244 -16.29 14.35 -13.35
N ALA D 245 -16.89 15.42 -12.88
CA ALA D 245 -17.39 15.40 -11.51
C ALA D 245 -18.54 14.41 -11.37
N GLU D 246 -19.37 14.29 -12.41
CA GLU D 246 -20.49 13.35 -12.36
C GLU D 246 -20.00 11.92 -12.14
N ASP D 247 -18.84 11.57 -12.70
CA ASP D 247 -18.32 10.23 -12.50
C ASP D 247 -17.97 9.99 -11.04
N VAL D 248 -17.33 10.97 -10.39
CA VAL D 248 -17.01 10.81 -8.97
C VAL D 248 -18.28 10.66 -8.14
N ALA D 249 -19.27 11.50 -8.41
CA ALA D 249 -20.53 11.39 -7.70
C ALA D 249 -21.09 9.98 -7.75
N VAL D 250 -20.91 9.29 -8.87
CA VAL D 250 -21.39 7.93 -9.00
C VAL D 250 -20.62 6.99 -8.08
N THR D 251 -19.32 7.22 -7.92
CA THR D 251 -18.55 6.38 -7.02
C THR D 251 -18.92 6.64 -5.55
N VAL D 252 -19.21 7.88 -5.19
CA VAL D 252 -19.70 8.15 -3.85
C VAL D 252 -21.05 7.49 -3.63
N LEU D 253 -21.89 7.47 -4.67
CA LEU D 253 -23.17 6.79 -4.58
C LEU D 253 -23.00 5.33 -4.23
N TYR D 254 -22.06 4.65 -4.89
CA TYR D 254 -21.74 3.27 -4.56
C TYR D 254 -21.36 3.13 -3.09
N LEU D 255 -20.33 3.86 -2.64
CA LEU D 255 -19.85 3.69 -1.28
C LEU D 255 -20.91 4.04 -0.25
N ALA D 256 -21.78 5.01 -0.55
CA ALA D 256 -22.80 5.43 0.39
C ALA D 256 -23.96 4.43 0.50
N SER D 257 -24.18 3.63 -0.53
CA SER D 257 -25.38 2.83 -0.63
C SER D 257 -25.19 1.47 0.06
N GLU D 258 -26.25 0.67 0.06
N GLU D 258 -26.26 0.68 0.06
CA GLU D 258 -26.19 -0.68 0.59
CA GLU D 258 -26.19 -0.67 0.59
C GLU D 258 -25.60 -1.67 -0.41
C GLU D 258 -25.61 -1.67 -0.41
N GLU D 259 -25.12 -1.20 -1.56
CA GLU D 259 -24.33 -2.03 -2.46
C GLU D 259 -22.90 -2.13 -1.98
N ALA D 260 -22.50 -1.30 -1.03
CA ALA D 260 -21.22 -1.38 -0.37
C ALA D 260 -21.40 -1.67 1.12
N SER D 261 -22.51 -2.30 1.48
CA SER D 261 -22.87 -2.53 2.87
C SER D 261 -21.80 -3.25 3.68
N TYR D 262 -20.80 -3.85 3.03
CA TYR D 262 -19.70 -4.47 3.74
C TYR D 262 -18.36 -3.86 3.37
N VAL D 263 -18.36 -2.72 2.71
CA VAL D 263 -17.15 -2.03 2.30
C VAL D 263 -16.84 -0.97 3.33
N SER D 264 -15.64 -1.04 3.91
CA SER D 264 -15.26 -0.09 4.93
C SER D 264 -13.75 -0.09 5.05
N GLY D 265 -13.20 1.09 5.32
CA GLY D 265 -11.78 1.29 5.37
C GLY D 265 -11.09 1.44 4.04
N VAL D 266 -11.84 1.74 2.98
CA VAL D 266 -11.28 1.70 1.62
C VAL D 266 -11.09 3.11 1.08
N ASN D 267 -9.89 3.39 0.59
CA ASN D 267 -9.60 4.60 -0.19
C ASN D 267 -9.70 4.23 -1.67
N LEU D 268 -10.86 4.48 -2.26
CA LEU D 268 -11.16 4.03 -3.61
C LEU D 268 -10.70 5.08 -4.62
N LEU D 269 -9.71 4.71 -5.43
CA LEU D 269 -9.15 5.59 -6.45
C LEU D 269 -10.03 5.64 -7.68
N VAL D 270 -10.21 6.84 -8.22
CA VAL D 270 -10.86 6.98 -9.51
C VAL D 270 -9.92 7.72 -10.44
N ASP D 271 -8.96 7.00 -11.00
CA ASP D 271 -7.84 7.64 -11.66
C ASP D 271 -7.46 6.97 -12.98
N GLY D 272 -8.28 6.07 -13.51
CA GLY D 272 -8.01 5.41 -14.77
C GLY D 272 -6.69 4.68 -14.80
N GLY D 273 -6.16 4.38 -13.63
CA GLY D 273 -4.93 3.67 -13.49
C GLY D 273 -3.73 4.55 -13.33
N TYR D 274 -3.91 5.88 -13.37
CA TYR D 274 -2.77 6.79 -13.37
C TYR D 274 -1.79 6.47 -12.27
N THR D 275 -2.28 6.09 -11.09
CA THR D 275 -1.40 5.92 -9.94
C THR D 275 -0.58 4.64 -9.99
N VAL D 276 -0.89 3.71 -10.88
CA VAL D 276 -0.21 2.41 -10.82
C VAL D 276 1.01 2.35 -11.72
N VAL D 277 1.28 3.38 -12.52
CA VAL D 277 2.34 3.35 -13.51
C VAL D 277 3.26 4.56 -13.40
N ASN D 278 4.56 4.32 -13.49
CA ASN D 278 5.54 5.33 -13.85
C ASN D 278 6.02 5.03 -15.27
N PRO D 279 5.53 5.74 -16.28
CA PRO D 279 5.83 5.38 -17.68
C PRO D 279 7.14 5.91 -18.19
N THR D 280 7.97 6.50 -17.33
CA THR D 280 9.21 7.11 -17.77
C THR D 280 10.16 6.10 -18.41
N PHE D 281 10.32 4.94 -17.77
CA PHE D 281 11.25 3.93 -18.29
C PHE D 281 10.84 3.47 -19.68
N ILE D 282 9.56 3.20 -19.88
CA ILE D 282 9.08 2.74 -21.16
C ILE D 282 9.22 3.83 -22.21
N ASN D 283 9.05 5.08 -21.80
CA ASN D 283 9.19 6.19 -22.75
C ASN D 283 10.62 6.34 -23.23
N VAL D 284 11.60 6.06 -22.36
CA VAL D 284 13.00 6.22 -22.74
C VAL D 284 13.47 5.06 -23.62
N ILE D 285 13.01 3.85 -23.34
CA ILE D 285 13.36 2.73 -24.20
C ILE D 285 12.77 2.94 -25.59
N THR D 286 11.54 3.46 -25.65
CA THR D 286 10.89 3.67 -26.93
C THR D 286 11.47 4.86 -27.69
N ALA D 287 11.85 5.92 -26.97
CA ALA D 287 12.39 7.11 -27.63
C ALA D 287 13.70 6.80 -28.34
N GLY D 288 14.65 6.23 -27.61
CA GLY D 288 15.92 5.84 -28.19
C GLY D 288 15.87 4.61 -29.07
N GLN D 289 14.73 3.93 -29.14
CA GLN D 289 14.57 2.76 -30.00
C GLN D 289 13.18 2.72 -30.62
#